data_3DSR
#
_entry.id   3DSR
#
_cell.length_a   74.209
_cell.length_b   95.944
_cell.length_c   130.380
_cell.angle_alpha   90.00
_cell.angle_beta   90.00
_cell.angle_gamma   90.00
#
_symmetry.space_group_name_H-M   'P 21 21 21'
#
loop_
_entity.id
_entity.type
_entity.pdbx_description
1 polymer 'V-type ATP synthase beta chain'
2 non-polymer "ADENOSINE-5'-DIPHOSPHATE"
3 water water
#
_entity_poly.entity_id   1
_entity_poly.type   'polypeptide(L)'
_entity_poly.pdbx_seq_one_letter_code
;MKHHHHHHPMVKEYKTITQIAGPLIFVEKTEPVGYNEIVNIKMGDGTVRRGQVLDSSADIVVVQVFEGTGGLDKDCGVIF
TGETLKLPASVDLLGRILSGSGEPRDGGPRIVPDQLLDINGAAMNPYARLPPKDFIQTGISTIDGTNTLVRGQKLPIFSA
SGLPHNEIALQIARQASVPGSESAFAVVFAAMGITNEEAQYFMSDFEKTGALERAVVFLNLADDPAVERIVTPRMALTAA
EYLAYEHGMHVLVILTDITNYAEALRQMGAARNEVPGRRGYPGYMYTDLATLYERAGIVKGAKGSVTQIPILSMPGDDIT
HPIPDLSGYITEGQIVVARELHRKGIYPPINVLPSLSRLMNSGIGAGKTREDHKAVSDQMYAGYAEGRDLRGLVAIVGKE
ALSERDTKFLEFADLFEDKFVRQGRNENRTIEDTLEIGWQILTHLPENQLGRIDNKYIQKYHPAHRKAK
;
_entity_poly.pdbx_strand_id   A,B
#
loop_
_chem_comp.id
_chem_comp.type
_chem_comp.name
_chem_comp.formula
ADP non-polymer ADENOSINE-5'-DIPHOSPHATE 'C10 H15 N5 O10 P2'
#
# COMPACT_ATOMS: atom_id res chain seq x y z
N ALA A 21 32.97 -9.33 -13.28
CA ALA A 21 31.60 -8.73 -13.34
C ALA A 21 31.47 -7.55 -12.37
N GLY A 22 30.29 -6.94 -12.36
CA GLY A 22 30.00 -5.80 -11.49
C GLY A 22 28.83 -4.93 -11.94
N PRO A 23 29.03 -3.60 -11.94
CA PRO A 23 27.99 -2.63 -12.28
C PRO A 23 27.82 -2.35 -13.78
N LEU A 24 26.58 -2.03 -14.16
CA LEU A 24 26.22 -1.55 -15.50
C LEU A 24 26.54 -0.06 -15.68
N ILE A 25 27.04 0.28 -16.86
CA ILE A 25 27.18 1.68 -17.25
C ILE A 25 26.66 1.86 -18.68
N PHE A 26 26.65 3.10 -19.15
CA PHE A 26 26.12 3.42 -20.48
C PHE A 26 27.13 4.26 -21.28
N VAL A 27 27.46 3.80 -22.49
CA VAL A 27 28.50 4.44 -23.30
C VAL A 27 28.02 4.89 -24.68
N GLU A 28 28.59 6.01 -25.16
CA GLU A 28 28.38 6.46 -26.53
C GLU A 28 28.81 5.36 -27.48
N LYS A 29 28.01 5.13 -28.50
CA LYS A 29 28.31 4.09 -29.47
C LYS A 29 29.11 4.74 -30.60
N THR A 30 30.44 4.81 -30.44
CA THR A 30 31.28 5.39 -31.50
C THR A 30 31.12 4.56 -32.77
N GLU A 31 31.10 3.24 -32.60
CA GLU A 31 30.91 2.27 -33.71
C GLU A 31 30.26 0.94 -33.27
N PRO A 32 29.82 0.11 -34.25
CA PRO A 32 29.08 -1.13 -33.93
C PRO A 32 29.91 -2.18 -33.20
N VAL A 33 29.24 -2.93 -32.34
CA VAL A 33 29.87 -3.83 -31.38
C VAL A 33 28.98 -5.03 -31.07
N GLY A 34 29.60 -6.17 -30.78
CA GLY A 34 28.90 -7.42 -30.67
C GLY A 34 28.26 -7.75 -29.34
N TYR A 35 28.84 -8.72 -28.66
CA TYR A 35 28.26 -9.24 -27.44
C TYR A 35 29.39 -9.90 -26.65
N ASN A 36 29.23 -9.99 -25.33
CA ASN A 36 30.31 -10.41 -24.44
C ASN A 36 31.58 -9.69 -24.86
N GLU A 37 31.44 -8.44 -25.30
CA GLU A 37 32.56 -7.79 -25.92
C GLU A 37 33.39 -6.98 -24.96
N ILE A 38 34.63 -7.44 -24.76
CA ILE A 38 35.61 -6.79 -23.93
C ILE A 38 35.99 -5.45 -24.57
N VAL A 39 35.67 -4.36 -23.84
CA VAL A 39 35.85 -2.98 -24.32
C VAL A 39 36.46 -2.05 -23.25
N ASN A 40 37.12 -0.98 -23.72
CA ASN A 40 37.64 0.08 -22.86
C ASN A 40 36.73 1.31 -22.84
N ILE A 41 36.53 1.87 -21.64
CA ILE A 41 35.64 3.02 -21.45
C ILE A 41 36.22 4.19 -20.64
N LYS A 42 36.03 5.40 -21.14
CA LYS A 42 36.44 6.64 -20.47
C LYS A 42 35.30 7.26 -19.64
N MET A 43 35.43 7.14 -18.32
CA MET A 43 34.45 7.68 -17.38
C MET A 43 34.57 9.19 -17.34
N GLY A 44 33.50 9.86 -16.91
CA GLY A 44 33.49 11.29 -16.65
C GLY A 44 34.53 11.63 -15.60
N ASP A 45 34.81 10.63 -14.77
CA ASP A 45 35.91 10.64 -13.81
C ASP A 45 37.27 10.88 -14.50
N GLY A 46 37.54 10.12 -15.56
CA GLY A 46 38.83 10.15 -16.25
C GLY A 46 39.56 8.81 -16.19
N THR A 47 39.18 7.99 -15.20
CA THR A 47 39.66 6.62 -15.12
C THR A 47 39.03 5.77 -16.21
N VAL A 48 39.77 4.76 -16.66
CA VAL A 48 39.33 3.90 -17.72
C VAL A 48 38.99 2.53 -17.14
N ARG A 49 37.77 2.05 -17.43
CA ARG A 49 37.38 0.70 -17.00
C ARG A 49 37.07 -0.23 -18.18
N ARG A 50 37.29 -1.52 -17.98
CA ARG A 50 36.93 -2.52 -18.99
C ARG A 50 35.69 -3.30 -18.58
N GLY A 51 35.03 -3.88 -19.57
CA GLY A 51 33.88 -4.71 -19.33
C GLY A 51 33.46 -5.49 -20.56
N GLN A 52 32.18 -5.81 -20.61
CA GLN A 52 31.57 -6.46 -21.76
C GLN A 52 30.31 -5.72 -22.24
N VAL A 53 29.89 -6.01 -23.47
CA VAL A 53 28.69 -5.41 -24.04
C VAL A 53 27.44 -6.21 -23.64
N LEU A 54 26.56 -5.56 -22.88
CA LEU A 54 25.27 -6.17 -22.59
C LEU A 54 24.38 -6.09 -23.82
N ASP A 55 24.09 -4.86 -24.27
CA ASP A 55 23.17 -4.63 -25.37
C ASP A 55 23.61 -3.51 -26.31
N SER A 56 23.84 -3.90 -27.57
CA SER A 56 24.08 -2.95 -28.66
C SER A 56 22.76 -2.33 -29.09
N SER A 57 22.56 -1.05 -28.79
CA SER A 57 21.41 -0.37 -29.36
C SER A 57 21.80 0.32 -30.65
N ALA A 58 21.60 1.65 -30.68
CA ALA A 58 21.87 2.43 -31.86
C ALA A 58 22.75 3.59 -31.45
N ASP A 59 22.32 4.27 -30.40
CA ASP A 59 22.95 5.50 -29.97
C ASP A 59 23.80 5.21 -28.73
N ILE A 60 23.41 4.16 -28.00
CA ILE A 60 23.94 3.85 -26.68
C ILE A 60 24.25 2.38 -26.52
N VAL A 61 25.43 2.09 -25.95
CA VAL A 61 25.82 0.73 -25.61
C VAL A 61 25.70 0.50 -24.11
N VAL A 62 25.07 -0.61 -23.74
CA VAL A 62 24.98 -1.00 -22.34
C VAL A 62 26.16 -1.92 -22.02
N VAL A 63 27.01 -1.47 -21.10
CA VAL A 63 28.22 -2.22 -20.72
C VAL A 63 28.13 -2.85 -19.33
N GLN A 64 28.77 -4.00 -19.19
CA GLN A 64 28.96 -4.64 -17.89
C GLN A 64 30.43 -4.51 -17.54
N VAL A 65 30.74 -3.57 -16.66
CA VAL A 65 32.13 -3.20 -16.31
C VAL A 65 32.85 -4.23 -15.41
N PHE A 66 34.19 -4.18 -15.39
CA PHE A 66 35.00 -5.02 -14.50
C PHE A 66 35.66 -4.24 -13.35
N GLU A 67 35.83 -4.92 -12.22
CA GLU A 67 36.45 -4.40 -10.98
C GLU A 67 35.84 -3.11 -10.41
N GLY A 68 34.50 -3.04 -10.39
CA GLY A 68 33.77 -1.93 -9.77
C GLY A 68 33.28 -0.86 -10.72
N ILE A 79 41.12 -3.62 -29.68
CA ILE A 79 40.22 -3.28 -28.58
C ILE A 79 39.21 -2.27 -29.09
N PHE A 80 38.28 -1.82 -28.22
CA PHE A 80 37.36 -0.72 -28.56
C PHE A 80 37.40 0.43 -27.57
N THR A 81 37.53 1.64 -28.12
CA THR A 81 37.68 2.86 -27.33
C THR A 81 36.38 3.65 -27.26
N GLY A 82 35.80 3.72 -26.07
CA GLY A 82 34.51 4.38 -25.86
C GLY A 82 34.46 5.29 -24.64
N GLU A 83 33.62 6.31 -24.72
CA GLU A 83 33.37 7.20 -23.59
C GLU A 83 31.98 6.95 -23.03
N THR A 84 31.88 6.96 -21.69
CA THR A 84 30.59 6.81 -21.02
C THR A 84 29.62 7.86 -21.54
N LEU A 85 28.37 7.45 -21.73
CA LEU A 85 27.32 8.38 -21.99
C LEU A 85 27.17 9.29 -20.78
N LYS A 86 27.00 10.57 -21.09
CA LYS A 86 26.83 11.59 -20.07
C LYS A 86 25.98 12.75 -20.52
N LEU A 87 25.27 13.30 -19.54
CA LEU A 87 24.41 14.44 -19.77
C LEU A 87 25.24 15.70 -19.68
N PRO A 88 24.93 16.68 -20.54
CA PRO A 88 25.52 18.00 -20.52
C PRO A 88 24.86 18.79 -19.42
N ALA A 89 25.41 18.68 -18.22
CA ALA A 89 24.83 19.33 -17.07
C ALA A 89 25.13 20.82 -17.12
N SER A 90 24.06 21.59 -17.03
CA SER A 90 24.09 23.04 -17.15
C SER A 90 22.78 23.63 -16.66
N VAL A 91 22.87 24.82 -16.06
CA VAL A 91 21.70 25.55 -15.57
C VAL A 91 20.69 25.89 -16.68
N ASP A 92 21.16 25.93 -17.92
CA ASP A 92 20.29 26.16 -19.07
C ASP A 92 19.44 24.95 -19.49
N LEU A 93 19.59 23.83 -18.80
CA LEU A 93 18.66 22.71 -18.99
C LEU A 93 17.23 23.14 -18.65
N LEU A 94 17.10 24.10 -17.73
CA LEU A 94 15.81 24.68 -17.37
C LEU A 94 15.11 25.31 -18.57
N GLY A 95 13.86 24.89 -18.80
CA GLY A 95 13.03 25.48 -19.84
C GLY A 95 13.17 24.71 -21.13
N ARG A 96 13.95 23.64 -21.07
CA ARG A 96 14.18 22.82 -22.25
C ARG A 96 13.38 21.57 -22.11
N ILE A 97 12.83 21.12 -23.24
CA ILE A 97 12.23 19.80 -23.38
C ILE A 97 13.17 18.90 -24.18
N LEU A 98 13.70 17.89 -23.51
CA LEU A 98 14.67 17.01 -24.13
C LEU A 98 14.03 15.66 -24.38
N SER A 99 14.86 14.65 -24.67
CA SER A 99 14.39 13.39 -25.24
C SER A 99 14.98 12.11 -24.67
N GLY A 100 14.99 11.92 -23.35
CA GLY A 100 15.50 10.68 -22.77
C GLY A 100 16.96 10.37 -23.09
N SER A 101 17.29 10.45 -24.37
CA SER A 101 18.66 10.32 -24.87
C SER A 101 19.46 11.60 -24.60
N GLY A 102 18.75 12.66 -24.18
CA GLY A 102 19.39 13.94 -23.85
C GLY A 102 19.26 15.01 -24.93
N GLU A 103 18.95 14.60 -26.16
CA GLU A 103 18.88 15.51 -27.30
C GLU A 103 17.59 16.33 -27.30
N PRO A 104 17.59 17.49 -27.99
CA PRO A 104 16.42 18.37 -27.91
C PRO A 104 15.23 17.88 -28.73
N ARG A 105 14.04 18.13 -28.20
CA ARG A 105 12.77 17.78 -28.85
C ARG A 105 11.89 19.01 -29.10
N ASP A 106 12.33 20.15 -28.59
CA ASP A 106 11.59 21.39 -28.70
C ASP A 106 12.13 22.23 -29.86
N GLY A 107 12.84 21.57 -30.78
CA GLY A 107 13.43 22.25 -31.92
C GLY A 107 14.47 23.26 -31.51
N GLY A 108 14.62 23.40 -30.19
CA GLY A 108 15.62 24.28 -29.62
C GLY A 108 17.03 23.88 -30.00
N PRO A 109 18.01 24.74 -29.67
CA PRO A 109 19.41 24.51 -30.03
C PRO A 109 19.96 23.32 -29.27
N ARG A 110 21.14 22.88 -29.66
CA ARG A 110 21.72 21.67 -29.09
C ARG A 110 22.24 21.88 -27.66
N ILE A 111 22.51 20.75 -27.02
CA ILE A 111 23.32 20.62 -25.81
C ILE A 111 24.30 21.80 -25.57
N VAL A 112 24.29 22.40 -24.37
CA VAL A 112 25.22 23.52 -24.05
C VAL A 112 26.01 23.27 -22.75
N PRO A 113 26.97 22.33 -22.78
CA PRO A 113 27.56 21.68 -21.61
C PRO A 113 28.25 22.62 -20.68
N ASP A 114 28.29 22.23 -19.42
CA ASP A 114 28.93 23.00 -18.37
C ASP A 114 29.67 22.02 -17.49
N GLN A 115 29.25 20.77 -17.58
CA GLN A 115 29.77 19.75 -16.71
C GLN A 115 30.08 18.44 -17.41
N LEU A 116 29.21 17.98 -18.30
CA LEU A 116 29.33 16.63 -18.85
C LEU A 116 29.45 15.58 -17.73
N LEU A 117 28.32 15.18 -17.15
CA LEU A 117 28.36 14.27 -16.01
C LEU A 117 27.86 12.86 -16.35
N ASP A 118 28.61 11.86 -15.92
CA ASP A 118 28.15 10.47 -15.97
C ASP A 118 26.74 10.30 -15.41
N ILE A 119 26.08 9.23 -15.85
CA ILE A 119 24.64 9.10 -15.75
C ILE A 119 24.17 8.03 -14.74
N ASN A 120 25.09 7.10 -14.42
CA ASN A 120 24.80 5.92 -13.63
C ASN A 120 24.44 6.20 -12.18
N GLY A 121 25.06 7.24 -11.64
CA GLY A 121 24.77 7.69 -10.28
C GLY A 121 26.06 8.03 -9.58
N ALA A 122 27.18 7.63 -10.17
CA ALA A 122 28.49 7.89 -9.60
C ALA A 122 28.84 9.36 -9.65
N ALA A 123 28.26 10.06 -10.64
CA ALA A 123 28.60 11.46 -10.97
C ALA A 123 29.13 12.38 -9.87
N MET A 124 28.41 12.48 -8.74
CA MET A 124 28.80 13.50 -7.76
C MET A 124 28.91 13.03 -6.34
N ASN A 125 28.36 11.84 -6.06
CA ASN A 125 28.22 11.37 -4.70
C ASN A 125 27.70 12.53 -3.84
N PRO A 126 26.55 13.12 -4.25
CA PRO A 126 26.10 14.43 -3.78
C PRO A 126 25.21 14.41 -2.54
N TYR A 127 24.88 13.21 -2.07
CA TYR A 127 23.90 13.04 -1.00
C TYR A 127 24.44 13.18 0.42
N ALA A 128 23.97 14.21 1.12
CA ALA A 128 24.27 14.34 2.54
C ALA A 128 23.43 13.38 3.34
N ARG A 129 23.98 12.22 3.72
CA ARG A 129 23.20 11.25 4.51
C ARG A 129 22.52 11.85 5.77
N LEU A 130 21.40 12.55 5.52
CA LEU A 130 20.55 13.16 6.53
C LEU A 130 19.11 12.74 6.22
N PRO A 131 18.19 12.89 7.20
CA PRO A 131 16.79 12.60 6.91
C PRO A 131 16.07 13.74 6.16
N PRO A 132 15.10 13.38 5.31
CA PRO A 132 14.15 14.36 4.77
C PRO A 132 13.57 15.27 5.88
N LYS A 133 13.32 16.55 5.56
CA LYS A 133 13.06 17.53 6.64
C LYS A 133 12.05 18.68 6.39
N ASP A 134 11.76 19.08 5.16
CA ASP A 134 10.84 20.20 5.08
C ASP A 134 9.63 19.97 4.23
N PHE A 135 8.92 21.05 3.93
CA PHE A 135 7.62 20.91 3.30
C PHE A 135 7.67 21.08 1.80
N ILE A 136 6.96 20.23 1.07
CA ILE A 136 6.72 20.45 -0.36
C ILE A 136 5.22 20.67 -0.56
N GLN A 137 4.85 21.85 -1.04
CA GLN A 137 3.44 22.18 -1.25
C GLN A 137 3.02 21.76 -2.66
N THR A 138 2.26 20.67 -2.78
CA THR A 138 1.83 20.21 -4.11
C THR A 138 0.56 20.92 -4.57
N GLY A 139 -0.11 21.61 -3.65
CA GLY A 139 -1.37 22.25 -3.97
C GLY A 139 -2.51 21.25 -4.08
N ILE A 140 -2.23 20.02 -3.66
CA ILE A 140 -3.22 18.95 -3.67
C ILE A 140 -3.49 18.55 -2.22
N SER A 141 -4.72 18.80 -1.78
CA SER A 141 -5.12 18.62 -0.39
C SER A 141 -4.93 17.20 0.14
N THR A 142 -5.30 16.21 -0.68
CA THR A 142 -5.12 14.79 -0.29
C THR A 142 -3.64 14.41 -0.12
N ILE A 143 -2.76 15.20 -0.73
CA ILE A 143 -1.31 15.03 -0.56
C ILE A 143 -0.89 15.95 0.57
N ASP A 144 -0.78 17.26 0.27
CA ASP A 144 -0.41 18.30 1.22
C ASP A 144 -1.00 18.10 2.63
N GLY A 145 -2.30 17.90 2.70
CA GLY A 145 -2.97 17.87 4.00
C GLY A 145 -2.78 16.56 4.72
N THR A 146 -2.97 15.45 4.02
CA THR A 146 -3.02 14.15 4.71
C THR A 146 -1.75 13.29 4.58
N ASN A 147 -1.03 13.40 3.46
CA ASN A 147 0.16 12.58 3.21
C ASN A 147 1.26 13.46 2.70
N THR A 148 1.77 14.29 3.58
CA THR A 148 2.60 15.40 3.18
C THR A 148 3.89 14.94 2.53
N LEU A 149 4.23 15.61 1.42
CA LEU A 149 5.46 15.35 0.70
C LEU A 149 6.60 16.21 1.23
N VAL A 150 7.61 15.54 1.77
CA VAL A 150 8.75 16.19 2.41
C VAL A 150 9.94 16.31 1.46
N ARG A 151 10.73 17.37 1.62
CA ARG A 151 11.89 17.60 0.75
C ARG A 151 12.94 16.49 0.99
N GLY A 152 13.22 15.70 -0.05
CA GLY A 152 14.20 14.61 0.03
C GLY A 152 13.58 13.23 0.07
N GLN A 153 12.25 13.19 -0.05
CA GLN A 153 11.44 11.97 0.01
C GLN A 153 11.31 11.27 -1.34
N LYS A 154 11.13 9.95 -1.29
CA LYS A 154 10.58 9.18 -2.38
C LYS A 154 9.15 8.87 -2.01
N LEU A 155 8.18 9.39 -2.76
CA LEU A 155 6.78 9.10 -2.50
C LEU A 155 6.11 8.60 -3.77
N PRO A 156 6.08 7.28 -3.94
CA PRO A 156 5.51 6.65 -5.12
C PRO A 156 4.01 6.88 -5.20
N ILE A 157 3.54 7.46 -6.29
CA ILE A 157 2.11 7.43 -6.51
C ILE A 157 1.72 6.11 -7.19
N PHE A 158 0.71 5.46 -6.64
CA PHE A 158 0.41 4.12 -7.02
C PHE A 158 -0.99 4.03 -7.63
N SER A 159 -1.06 3.63 -8.90
CA SER A 159 -2.35 3.50 -9.62
C SER A 159 -2.38 2.33 -10.59
N ALA A 160 -3.38 2.33 -11.47
CA ALA A 160 -3.62 1.28 -12.47
C ALA A 160 -3.95 1.98 -13.75
N SER A 161 -3.95 1.24 -14.86
CA SER A 161 -4.29 1.84 -16.15
C SER A 161 -5.76 2.28 -16.17
N GLY A 162 -6.03 3.37 -16.87
CA GLY A 162 -7.39 3.93 -16.97
C GLY A 162 -7.60 5.04 -15.95
N LEU A 163 -6.59 5.27 -15.12
CA LEU A 163 -6.70 6.26 -14.06
C LEU A 163 -5.78 7.47 -14.31
N PRO A 164 -6.20 8.67 -13.87
CA PRO A 164 -5.49 9.85 -14.31
C PRO A 164 -4.19 10.17 -13.54
N HIS A 165 -3.37 9.18 -13.26
CA HIS A 165 -2.10 9.49 -12.61
C HIS A 165 -1.22 10.52 -13.35
N ASN A 166 -1.19 10.44 -14.68
CA ASN A 166 -0.40 11.43 -15.44
C ASN A 166 -0.95 12.81 -15.30
N GLU A 167 -2.26 12.87 -15.10
CA GLU A 167 -2.93 14.15 -14.91
C GLU A 167 -2.47 14.77 -13.58
N ILE A 168 -2.44 13.95 -12.54
CA ILE A 168 -1.98 14.38 -11.22
C ILE A 168 -0.51 14.81 -11.29
N ALA A 169 0.32 13.88 -11.77
CA ALA A 169 1.74 14.13 -11.98
C ALA A 169 1.95 15.47 -12.68
N LEU A 170 1.10 15.75 -13.66
CA LEU A 170 1.24 16.95 -14.45
C LEU A 170 0.85 18.20 -13.67
N GLN A 171 -0.24 18.09 -12.89
CA GLN A 171 -0.68 19.17 -12.01
C GLN A 171 0.36 19.48 -10.94
N ILE A 172 0.91 18.44 -10.32
CA ILE A 172 1.95 18.67 -9.31
C ILE A 172 3.15 19.40 -9.89
N ALA A 173 3.47 19.10 -11.15
CA ALA A 173 4.61 19.71 -11.82
C ALA A 173 4.45 21.22 -11.94
N ARG A 174 3.26 21.67 -12.32
CA ARG A 174 3.04 23.10 -12.43
C ARG A 174 2.73 23.75 -11.07
N GLN A 175 2.08 23.03 -10.17
CA GLN A 175 1.74 23.62 -8.89
C GLN A 175 2.83 23.62 -7.83
N ALA A 176 3.71 22.63 -7.85
CA ALA A 176 4.65 22.41 -6.73
C ALA A 176 5.50 23.62 -6.32
N SER A 177 5.71 23.77 -5.01
CA SER A 177 6.48 24.87 -4.43
C SER A 177 6.97 24.56 -3.01
N VAL A 178 7.99 25.31 -2.58
CA VAL A 178 8.56 25.20 -1.25
C VAL A 178 8.45 26.52 -0.48
N PRO A 179 7.28 26.78 0.14
CA PRO A 179 7.09 28.04 0.84
C PRO A 179 8.09 28.14 1.97
N GLY A 180 8.68 29.33 2.14
CA GLY A 180 9.60 29.57 3.25
C GLY A 180 11.01 29.03 3.04
N SER A 181 11.33 28.66 1.80
CA SER A 181 12.65 28.16 1.55
C SER A 181 13.43 29.22 0.83
N GLU A 182 14.63 29.49 1.33
CA GLU A 182 15.50 30.49 0.73
C GLU A 182 16.37 29.90 -0.40
N SER A 183 15.98 28.72 -0.89
CA SER A 183 16.61 28.08 -2.05
C SER A 183 15.62 28.15 -3.20
N ALA A 184 16.08 27.89 -4.42
CA ALA A 184 15.21 27.94 -5.60
C ALA A 184 14.57 26.57 -5.84
N PHE A 185 13.37 26.57 -6.38
CA PHE A 185 12.69 25.32 -6.67
C PHE A 185 12.75 25.02 -8.15
N ALA A 186 12.71 23.74 -8.48
CA ALA A 186 12.86 23.27 -9.86
C ALA A 186 12.24 21.87 -10.06
N VAL A 187 11.68 21.66 -11.24
CA VAL A 187 10.99 20.41 -11.50
C VAL A 187 11.72 19.69 -12.60
N VAL A 188 11.95 18.41 -12.38
CA VAL A 188 12.44 17.56 -13.45
C VAL A 188 11.32 16.57 -13.70
N PHE A 189 10.76 16.63 -14.89
CA PHE A 189 9.70 15.73 -15.28
C PHE A 189 10.28 14.78 -16.32
N ALA A 190 10.18 13.48 -16.06
CA ALA A 190 10.65 12.48 -17.04
C ALA A 190 9.54 11.50 -17.38
N ALA A 191 9.17 11.40 -18.66
CA ALA A 191 8.12 10.46 -19.08
C ALA A 191 8.60 9.32 -20.00
N MET A 192 8.16 8.10 -19.67
CA MET A 192 8.60 6.88 -20.36
C MET A 192 7.50 6.21 -21.15
N GLY A 193 7.88 5.72 -22.33
CA GLY A 193 7.00 4.87 -23.14
C GLY A 193 5.63 5.46 -23.36
N ILE A 194 5.58 6.74 -23.70
CA ILE A 194 4.33 7.46 -23.92
C ILE A 194 4.03 7.61 -25.42
N THR A 195 2.76 7.85 -25.76
CA THR A 195 2.33 8.04 -27.17
C THR A 195 2.67 9.44 -27.65
N ASN A 196 2.68 9.64 -28.98
CA ASN A 196 2.83 10.97 -29.57
C ASN A 196 1.91 11.97 -28.91
N GLU A 197 0.62 11.62 -28.86
CA GLU A 197 -0.40 12.52 -28.35
C GLU A 197 -0.07 12.98 -26.94
N GLU A 198 0.22 12.02 -26.06
CA GLU A 198 0.67 12.31 -24.69
C GLU A 198 1.84 13.29 -24.70
N ALA A 199 2.84 13.02 -25.55
CA ALA A 199 4.02 13.87 -25.58
C ALA A 199 3.67 15.28 -26.00
N GLN A 200 2.78 15.40 -26.99
CA GLN A 200 2.37 16.71 -27.47
C GLN A 200 1.57 17.44 -26.41
N TYR A 201 0.66 16.71 -25.79
CA TYR A 201 -0.09 17.22 -24.66
C TYR A 201 0.85 17.80 -23.58
N PHE A 202 1.78 16.97 -23.11
CA PHE A 202 2.75 17.33 -22.05
C PHE A 202 3.55 18.55 -22.41
N MET A 203 4.02 18.60 -23.65
CA MET A 203 4.74 19.74 -24.19
C MET A 203 3.93 21.03 -24.11
N SER A 204 2.75 21.03 -24.75
CA SER A 204 1.90 22.20 -24.73
C SER A 204 1.61 22.59 -23.30
N ASP A 205 1.25 21.62 -22.47
CA ASP A 205 0.89 21.95 -21.09
C ASP A 205 2.03 22.69 -20.41
N PHE A 206 3.23 22.14 -20.50
CA PHE A 206 4.40 22.79 -19.93
C PHE A 206 4.60 24.17 -20.54
N GLU A 207 4.48 24.27 -21.87
CA GLU A 207 4.69 25.51 -22.62
C GLU A 207 3.74 26.60 -22.15
N LYS A 208 2.44 26.33 -22.29
CA LYS A 208 1.40 27.33 -22.12
C LYS A 208 1.19 27.77 -20.66
N THR A 209 1.35 26.83 -19.73
CA THR A 209 1.08 27.11 -18.32
C THR A 209 2.21 27.86 -17.62
N GLY A 210 3.21 28.30 -18.38
CA GLY A 210 4.38 28.99 -17.82
C GLY A 210 5.23 28.15 -16.85
N ALA A 211 5.03 26.83 -16.89
CA ALA A 211 5.64 25.91 -15.92
C ALA A 211 7.03 25.55 -16.38
N LEU A 212 7.18 25.30 -17.67
CA LEU A 212 8.47 24.98 -18.26
C LEU A 212 9.57 25.97 -17.85
N GLU A 213 9.18 27.22 -17.63
CA GLU A 213 10.10 28.25 -17.13
C GLU A 213 10.97 27.82 -15.94
N ARG A 214 10.51 26.82 -15.18
CA ARG A 214 11.28 26.33 -14.05
C ARG A 214 11.66 24.85 -14.14
N ALA A 215 11.36 24.19 -15.27
CA ALA A 215 11.52 22.71 -15.32
C ALA A 215 12.40 22.12 -16.44
N VAL A 216 13.06 21.00 -16.15
CA VAL A 216 13.68 20.17 -17.21
C VAL A 216 12.72 19.03 -17.53
N VAL A 217 12.50 18.77 -18.82
CA VAL A 217 11.54 17.75 -19.23
C VAL A 217 12.16 16.72 -20.19
N PHE A 218 12.21 15.47 -19.75
CA PHE A 218 12.71 14.37 -20.58
C PHE A 218 11.53 13.53 -21.05
N LEU A 219 11.40 13.36 -22.36
CA LEU A 219 10.29 12.59 -22.87
C LEU A 219 10.78 11.43 -23.69
N ASN A 220 10.26 10.26 -23.39
CA ASN A 220 10.63 9.06 -24.10
C ASN A 220 9.37 8.45 -24.69
N LEU A 221 9.40 8.24 -26.01
CA LEU A 221 8.23 7.73 -26.71
C LEU A 221 8.19 6.22 -26.63
N ALA A 222 6.99 5.67 -26.70
CA ALA A 222 6.78 4.25 -26.54
C ALA A 222 7.46 3.42 -27.63
N ASP A 223 8.34 4.04 -28.42
CA ASP A 223 9.01 3.38 -29.54
C ASP A 223 10.39 3.89 -29.98
N ASP A 224 11.38 4.13 -29.10
CA ASP A 224 12.49 4.96 -29.64
C ASP A 224 14.05 4.83 -29.47
N PRO A 225 14.59 3.64 -29.16
CA PRO A 225 14.04 2.33 -28.93
C PRO A 225 13.79 2.10 -27.46
N ALA A 226 14.72 1.44 -26.78
CA ALA A 226 14.46 0.92 -25.45
C ALA A 226 15.61 1.20 -24.50
N VAL A 227 16.82 0.90 -24.94
CA VAL A 227 17.99 1.28 -24.20
C VAL A 227 17.82 2.73 -23.76
N GLU A 228 17.00 3.46 -24.52
CA GLU A 228 16.77 4.87 -24.30
C GLU A 228 15.78 5.13 -23.18
N ARG A 229 14.72 4.33 -23.13
CA ARG A 229 13.80 4.36 -22.00
C ARG A 229 14.57 4.15 -20.71
N ILE A 230 15.59 3.30 -20.77
CA ILE A 230 16.31 2.94 -19.58
C ILE A 230 17.18 4.10 -19.06
N VAL A 231 17.84 4.80 -19.96
CA VAL A 231 18.70 5.92 -19.58
C VAL A 231 17.89 7.14 -19.11
N THR A 232 16.63 7.20 -19.54
CA THR A 232 15.77 8.31 -19.20
C THR A 232 15.86 8.69 -17.71
N PRO A 233 15.43 7.79 -16.81
CA PRO A 233 15.40 8.15 -15.40
C PRO A 233 16.77 8.59 -14.89
N ARG A 234 17.81 7.96 -15.42
CA ARG A 234 19.16 8.25 -15.00
C ARG A 234 19.57 9.62 -15.53
N MET A 235 19.14 9.94 -16.74
CA MET A 235 19.35 11.28 -17.30
C MET A 235 18.66 12.30 -16.42
N ALA A 236 17.43 12.00 -16.02
CA ALA A 236 16.66 12.88 -15.16
C ALA A 236 17.31 13.09 -13.81
N LEU A 237 17.70 12.00 -13.15
CA LEU A 237 18.18 12.08 -11.79
C LEU A 237 19.55 12.71 -11.72
N THR A 238 20.35 12.47 -12.75
CA THR A 238 21.64 13.15 -12.85
C THR A 238 21.38 14.65 -12.96
N ALA A 239 20.36 15.03 -13.73
CA ALA A 239 20.11 16.43 -13.99
C ALA A 239 19.60 17.09 -12.73
N ALA A 240 18.85 16.31 -11.94
CA ALA A 240 18.26 16.76 -10.70
C ALA A 240 19.38 16.96 -9.66
N GLU A 241 20.17 15.89 -9.49
CA GLU A 241 21.35 15.91 -8.62
C GLU A 241 22.27 17.05 -8.99
N TYR A 242 22.39 17.32 -10.29
CA TYR A 242 23.17 18.47 -10.74
C TYR A 242 22.62 19.79 -10.21
N LEU A 243 21.36 20.06 -10.49
CA LEU A 243 20.71 21.30 -10.09
C LEU A 243 20.60 21.44 -8.57
N ALA A 244 20.32 20.34 -7.88
CA ALA A 244 20.15 20.41 -6.45
C ALA A 244 21.49 20.61 -5.77
N TYR A 245 22.45 19.73 -6.09
CA TYR A 245 23.72 19.78 -5.42
C TYR A 245 24.54 20.99 -5.86
N GLU A 246 24.82 21.09 -7.15
CA GLU A 246 25.72 22.14 -7.60
C GLU A 246 25.09 23.52 -7.70
N HIS A 247 23.76 23.64 -7.48
CA HIS A 247 23.12 24.96 -7.53
C HIS A 247 22.19 25.31 -6.37
N GLY A 248 22.27 24.54 -5.30
CA GLY A 248 21.53 24.83 -4.07
C GLY A 248 20.05 24.96 -4.30
N MET A 249 19.47 24.03 -5.08
CA MET A 249 18.05 24.02 -5.42
C MET A 249 17.33 22.85 -4.78
N HIS A 250 16.01 22.95 -4.68
CA HIS A 250 15.16 21.88 -4.18
C HIS A 250 14.44 21.33 -5.40
N VAL A 251 14.66 20.07 -5.72
CA VAL A 251 14.20 19.54 -6.99
C VAL A 251 13.25 18.37 -6.86
N LEU A 252 12.08 18.53 -7.44
CA LEU A 252 11.12 17.45 -7.51
C LEU A 252 11.33 16.68 -8.80
N VAL A 253 11.60 15.39 -8.68
CA VAL A 253 11.71 14.54 -9.85
C VAL A 253 10.48 13.67 -10.03
N ILE A 254 9.58 14.11 -10.89
CA ILE A 254 8.41 13.32 -11.28
C ILE A 254 8.82 12.29 -12.37
N LEU A 255 8.74 11.02 -12.01
CA LEU A 255 9.08 9.94 -12.92
C LEU A 255 7.83 9.29 -13.37
N THR A 256 7.44 9.56 -14.61
CA THR A 256 6.13 9.08 -15.03
C THR A 256 6.18 7.72 -15.73
N ASP A 257 5.91 6.74 -14.89
CA ASP A 257 5.73 5.31 -15.18
C ASP A 257 6.97 4.43 -15.19
N ILE A 258 7.24 3.91 -14.00
CA ILE A 258 8.27 2.93 -13.71
C ILE A 258 7.89 1.57 -14.29
N THR A 259 6.58 1.35 -14.43
CA THR A 259 6.07 0.14 -15.09
C THR A 259 6.51 0.03 -16.54
N ASN A 260 6.49 1.15 -17.27
CA ASN A 260 6.98 1.18 -18.64
C ASN A 260 8.44 0.84 -18.61
N TYR A 261 9.16 1.52 -17.72
CA TYR A 261 10.59 1.28 -17.52
C TYR A 261 10.86 -0.21 -17.30
N ALA A 262 10.10 -0.82 -16.39
CA ALA A 262 10.23 -2.25 -16.11
C ALA A 262 9.99 -3.10 -17.35
N GLU A 263 8.95 -2.76 -18.11
CA GLU A 263 8.66 -3.52 -19.32
C GLU A 263 9.81 -3.51 -20.34
N ALA A 264 10.45 -2.35 -20.53
CA ALA A 264 11.59 -2.27 -21.45
C ALA A 264 12.82 -3.04 -20.94
N LEU A 265 12.91 -3.19 -19.64
CA LEU A 265 14.05 -3.79 -18.96
C LEU A 265 14.05 -5.31 -19.19
N ARG A 266 12.86 -5.88 -19.29
CA ARG A 266 12.79 -7.30 -19.62
C ARG A 266 12.86 -7.58 -21.14
N GLN A 267 12.44 -6.62 -21.96
CA GLN A 267 12.50 -6.78 -23.41
C GLN A 267 13.92 -6.82 -23.96
N MET A 268 14.92 -6.98 -23.09
CA MET A 268 16.32 -6.90 -23.55
C MET A 268 17.37 -7.52 -22.64
N GLY A 269 18.65 -7.40 -23.05
CA GLY A 269 19.77 -8.02 -22.34
C GLY A 269 19.67 -9.54 -22.32
N ALA A 270 20.14 -10.15 -21.23
CA ALA A 270 19.96 -11.59 -21.00
C ALA A 270 18.74 -11.86 -20.12
N PRO A 282 23.48 -10.09 -12.60
CA PRO A 282 24.04 -8.78 -12.20
C PRO A 282 22.91 -7.76 -11.97
N GLY A 283 23.11 -6.44 -12.37
CA GLY A 283 22.02 -5.48 -12.35
C GLY A 283 20.76 -6.03 -12.99
N TYR A 284 19.87 -6.45 -12.14
CA TYR A 284 18.72 -7.23 -12.48
C TYR A 284 17.55 -6.61 -11.75
N MET A 285 16.61 -6.09 -12.52
CA MET A 285 15.41 -5.37 -12.06
C MET A 285 15.34 -4.96 -10.59
N TYR A 286 15.30 -5.94 -9.69
CA TYR A 286 15.28 -5.67 -8.26
C TYR A 286 16.48 -4.83 -7.87
N THR A 287 17.65 -5.25 -8.33
CA THR A 287 18.89 -4.51 -8.06
C THR A 287 18.88 -3.22 -8.85
N ASP A 288 18.47 -3.30 -10.09
CA ASP A 288 18.44 -2.16 -11.00
C ASP A 288 17.51 -1.01 -10.54
N LEU A 289 16.35 -1.34 -9.99
CA LEU A 289 15.43 -0.33 -9.45
C LEU A 289 16.11 0.35 -8.29
N ALA A 290 16.89 -0.45 -7.57
CA ALA A 290 17.62 0.02 -6.43
C ALA A 290 18.54 1.15 -6.85
N THR A 291 19.14 1.04 -8.03
CA THR A 291 19.99 2.13 -8.51
C THR A 291 19.16 3.38 -8.74
N LEU A 292 17.84 3.19 -8.89
CA LEU A 292 16.87 4.28 -9.09
C LEU A 292 16.35 4.88 -7.78
N TYR A 293 15.94 4.01 -6.86
CA TYR A 293 15.32 4.51 -5.65
C TYR A 293 16.29 4.88 -4.57
N GLU A 294 17.58 4.71 -4.86
CA GLU A 294 18.61 5.11 -3.93
C GLU A 294 18.92 6.59 -4.16
N ARG A 295 18.56 7.08 -5.34
CA ARG A 295 18.97 8.41 -5.77
C ARG A 295 17.99 9.50 -5.33
N ALA A 296 17.81 9.66 -4.01
CA ALA A 296 17.02 10.75 -3.44
C ALA A 296 17.46 11.18 -2.04
N GLY A 297 17.17 12.42 -1.67
CA GLY A 297 17.55 12.89 -0.36
C GLY A 297 17.99 14.33 -0.35
N ILE A 298 18.28 14.82 0.86
CA ILE A 298 18.92 16.12 1.02
C ILE A 298 20.34 15.94 0.50
N VAL A 299 20.84 16.95 -0.20
CA VAL A 299 22.23 16.94 -0.71
C VAL A 299 23.21 17.59 0.27
N LYS A 300 24.47 17.22 0.14
CA LYS A 300 25.56 17.86 0.91
C LYS A 300 25.47 19.38 0.80
N GLY A 301 25.76 20.06 1.92
CA GLY A 301 25.54 21.51 2.10
C GLY A 301 24.24 21.80 2.86
N ALA A 302 23.30 20.86 2.73
CA ALA A 302 21.91 20.98 3.21
C ALA A 302 21.14 22.17 2.62
N LYS A 303 21.74 22.84 1.64
CA LYS A 303 21.12 24.00 1.00
C LYS A 303 20.26 23.59 -0.21
N GLY A 304 19.98 22.29 -0.34
CA GLY A 304 19.16 21.75 -1.45
C GLY A 304 18.80 20.27 -1.31
N SER A 305 17.97 19.77 -2.24
CA SER A 305 17.46 18.38 -2.15
C SER A 305 16.96 17.81 -3.49
N VAL A 306 16.88 16.48 -3.55
CA VAL A 306 16.27 15.79 -4.68
C VAL A 306 15.12 14.97 -4.13
N THR A 307 13.91 15.37 -4.50
CA THR A 307 12.71 14.63 -4.13
C THR A 307 12.18 13.94 -5.36
N GLN A 308 11.70 12.71 -5.19
CA GLN A 308 11.30 11.87 -6.32
C GLN A 308 9.88 11.34 -6.15
N ILE A 309 9.05 11.58 -7.16
CA ILE A 309 7.71 10.97 -7.23
C ILE A 309 7.61 10.08 -8.47
N PRO A 310 7.78 8.77 -8.29
CA PRO A 310 7.63 7.77 -9.33
C PRO A 310 6.20 7.28 -9.47
N ILE A 311 5.69 7.24 -10.69
CA ILE A 311 4.38 6.65 -10.93
C ILE A 311 4.50 5.14 -11.13
N LEU A 312 3.68 4.39 -10.39
CA LEU A 312 3.61 2.94 -10.47
C LEU A 312 2.20 2.49 -10.85
N SER A 313 2.04 1.92 -12.04
CA SER A 313 0.72 1.45 -12.44
C SER A 313 0.59 -0.07 -12.50
N MET A 314 -0.64 -0.52 -12.75
CA MET A 314 -1.02 -1.92 -12.98
C MET A 314 -1.46 -2.03 -14.43
N PRO A 315 -1.70 -3.26 -14.95
CA PRO A 315 -1.62 -4.57 -14.31
C PRO A 315 -0.33 -5.28 -14.68
N PRO A 322 0.52 -9.66 -16.56
CA PRO A 322 1.97 -9.66 -16.73
C PRO A 322 2.67 -9.41 -15.39
N ILE A 323 3.95 -9.01 -15.42
CA ILE A 323 4.74 -8.73 -14.18
C ILE A 323 4.33 -7.35 -13.51
N PRO A 324 5.21 -6.70 -12.69
CA PRO A 324 6.40 -6.98 -11.87
C PRO A 324 6.20 -6.70 -10.38
N ASP A 325 7.27 -6.86 -9.60
CA ASP A 325 7.29 -6.46 -8.19
C ASP A 325 8.24 -5.27 -7.98
N LEU A 326 7.63 -4.11 -7.76
CA LEU A 326 8.37 -2.88 -7.58
C LEU A 326 8.09 -2.32 -6.21
N SER A 327 7.94 -3.20 -5.22
CA SER A 327 7.74 -2.80 -3.83
C SER A 327 8.96 -2.10 -3.28
N GLY A 328 10.12 -2.42 -3.85
CA GLY A 328 11.38 -1.79 -3.50
C GLY A 328 11.30 -0.27 -3.53
N TYR A 329 10.38 0.25 -4.35
CA TYR A 329 10.24 1.68 -4.48
C TYR A 329 9.43 2.29 -3.32
N ILE A 330 8.79 1.41 -2.53
CA ILE A 330 7.91 1.85 -1.44
C ILE A 330 8.56 1.67 -0.04
N THR A 331 9.03 2.76 0.54
CA THR A 331 9.71 2.69 1.82
C THR A 331 9.42 3.91 2.69
N GLU A 332 9.00 4.99 2.05
CA GLU A 332 8.72 6.24 2.74
C GLU A 332 7.26 6.66 2.56
N GLY A 333 6.48 5.79 1.93
CA GLY A 333 5.04 5.98 1.82
C GLY A 333 4.43 5.50 0.51
N GLN A 334 3.38 6.20 0.09
CA GLN A 334 2.65 5.94 -1.16
C GLN A 334 1.36 6.77 -1.21
N ILE A 335 0.94 7.12 -2.42
CA ILE A 335 -0.32 7.80 -2.65
C ILE A 335 -1.18 6.94 -3.57
N VAL A 336 -2.30 6.45 -3.05
CA VAL A 336 -3.17 5.53 -3.80
C VAL A 336 -4.23 6.24 -4.68
N VAL A 337 -4.23 5.90 -5.97
CA VAL A 337 -5.32 6.33 -6.83
C VAL A 337 -6.38 5.23 -6.93
N ALA A 338 -7.57 5.48 -6.40
CA ALA A 338 -8.65 4.48 -6.34
C ALA A 338 -9.67 4.64 -7.46
N ARG A 339 -9.83 3.55 -8.22
CA ARG A 339 -10.85 3.48 -9.27
C ARG A 339 -12.26 3.75 -8.71
N GLU A 340 -12.51 3.41 -7.45
CA GLU A 340 -13.85 3.59 -6.91
C GLU A 340 -14.18 5.07 -6.91
N LEU A 341 -13.21 5.84 -6.51
CA LEU A 341 -13.38 7.26 -6.43
C LEU A 341 -13.50 7.89 -7.83
N HIS A 342 -12.90 7.22 -8.81
CA HIS A 342 -12.90 7.70 -10.16
C HIS A 342 -14.22 7.37 -10.82
N ARG A 343 -14.73 6.16 -10.62
CA ARG A 343 -16.05 5.80 -11.15
C ARG A 343 -17.15 6.60 -10.48
N LYS A 344 -16.79 7.36 -9.44
CA LYS A 344 -17.73 8.28 -8.79
C LYS A 344 -17.66 9.69 -9.38
N GLY A 345 -16.67 9.95 -10.22
CA GLY A 345 -16.52 11.26 -10.83
C GLY A 345 -15.81 12.27 -9.96
N ILE A 346 -14.79 11.83 -9.23
CA ILE A 346 -13.98 12.72 -8.39
C ILE A 346 -12.57 12.84 -8.97
N TYR A 347 -12.07 14.07 -9.05
CA TYR A 347 -10.67 14.29 -9.37
C TYR A 347 -10.07 15.21 -8.30
N PRO A 348 -8.89 14.86 -7.79
CA PRO A 348 -8.10 13.66 -8.10
C PRO A 348 -8.51 12.45 -7.27
N PRO A 349 -8.62 11.28 -7.91
CA PRO A 349 -9.13 10.07 -7.24
C PRO A 349 -8.15 9.38 -6.27
N ILE A 350 -7.69 10.13 -5.27
CA ILE A 350 -6.84 9.61 -4.19
C ILE A 350 -7.69 9.15 -3.00
N ASN A 351 -7.54 7.89 -2.58
CA ASN A 351 -8.11 7.38 -1.34
C ASN A 351 -7.09 7.63 -0.23
N VAL A 352 -7.41 8.44 0.77
CA VAL A 352 -6.38 8.79 1.78
C VAL A 352 -6.11 7.70 2.79
N LEU A 353 -7.13 6.91 3.08
CA LEU A 353 -7.02 5.84 4.07
C LEU A 353 -5.87 4.87 3.78
N PRO A 354 -5.78 4.31 2.56
CA PRO A 354 -4.64 3.45 2.31
C PRO A 354 -3.34 4.22 1.98
N SER A 355 -3.48 5.48 1.57
CA SER A 355 -2.30 6.30 1.29
C SER A 355 -1.54 6.60 2.58
N LEU A 356 -0.27 6.91 2.43
CA LEU A 356 0.59 7.13 3.56
C LEU A 356 1.87 7.87 3.18
N SER A 357 2.30 8.74 4.09
CA SER A 357 3.63 9.32 4.02
C SER A 357 4.32 9.01 5.37
N ARG A 358 5.34 8.16 5.33
CA ARG A 358 6.07 7.77 6.54
C ARG A 358 6.87 8.93 7.13
N LEU A 359 7.07 9.98 6.33
CA LEU A 359 7.95 11.06 6.74
C LEU A 359 7.23 12.37 7.02
N MET A 360 5.90 12.32 6.93
CA MET A 360 5.04 13.49 7.12
C MET A 360 5.38 14.37 8.31
N ASN A 361 5.61 13.79 9.48
CA ASN A 361 5.86 14.62 10.68
C ASN A 361 7.06 15.56 10.57
N SER A 362 7.98 15.26 9.65
CA SER A 362 9.12 16.15 9.42
C SER A 362 8.80 17.33 8.54
N GLY A 363 7.63 17.33 7.91
CA GLY A 363 7.32 18.39 6.97
C GLY A 363 6.36 19.44 7.49
N ILE A 364 5.73 19.15 8.62
CA ILE A 364 4.57 19.90 9.06
C ILE A 364 4.74 20.58 10.43
N GLY A 365 3.83 21.50 10.73
CA GLY A 365 3.82 22.14 12.03
C GLY A 365 4.14 23.62 12.00
N ALA A 366 4.90 24.05 13.01
CA ALA A 366 5.03 25.47 13.38
C ALA A 366 5.56 26.42 12.30
N GLY A 367 6.86 26.46 12.10
CA GLY A 367 7.40 27.34 11.07
C GLY A 367 7.31 26.72 9.69
N LYS A 368 6.63 25.58 9.58
CA LYS A 368 6.61 24.78 8.37
C LYS A 368 5.31 25.03 7.61
N THR A 369 4.22 24.53 8.17
CA THR A 369 2.91 24.83 7.61
C THR A 369 2.20 25.66 8.67
N ARG A 370 1.35 24.97 9.45
CA ARG A 370 0.70 25.58 10.58
C ARG A 370 0.71 24.59 11.76
N GLU A 371 0.42 25.11 12.94
CA GLU A 371 0.51 24.32 14.17
C GLU A 371 -0.55 23.23 14.20
N ASP A 372 -1.75 23.58 13.74
CA ASP A 372 -2.90 22.67 13.81
C ASP A 372 -2.92 21.53 12.77
N HIS A 373 -2.05 21.64 11.76
CA HIS A 373 -1.97 20.66 10.65
C HIS A 373 -2.21 19.21 11.08
N LYS A 374 -1.36 18.69 11.97
CA LYS A 374 -1.44 17.27 12.37
C LYS A 374 -2.77 16.91 13.02
N ALA A 375 -3.33 17.82 13.81
CA ALA A 375 -4.59 17.57 14.52
C ALA A 375 -5.73 17.48 13.53
N VAL A 376 -5.81 18.48 12.65
CA VAL A 376 -6.79 18.55 11.57
C VAL A 376 -6.62 17.38 10.62
N SER A 377 -5.38 16.95 10.43
CA SER A 377 -5.10 15.88 9.51
C SER A 377 -5.50 14.55 10.11
N ASP A 378 -5.32 14.40 11.42
CA ASP A 378 -5.66 13.13 12.07
C ASP A 378 -7.16 12.99 12.25
N GLN A 379 -7.80 14.08 12.62
CA GLN A 379 -9.23 14.07 12.85
C GLN A 379 -9.97 13.80 11.54
N MET A 380 -9.45 14.30 10.42
CA MET A 380 -10.08 14.04 9.13
C MET A 380 -9.85 12.60 8.74
N TYR A 381 -8.67 12.08 9.04
CA TYR A 381 -8.41 10.69 8.76
C TYR A 381 -9.32 9.76 9.58
N ALA A 382 -9.56 10.12 10.84
CA ALA A 382 -10.34 9.28 11.74
C ALA A 382 -11.81 9.43 11.40
N GLY A 383 -12.23 10.66 11.10
CA GLY A 383 -13.61 10.95 10.70
C GLY A 383 -14.03 10.31 9.40
N TYR A 384 -13.16 10.37 8.40
CA TYR A 384 -13.37 9.72 7.10
C TYR A 384 -13.37 8.20 7.16
N ALA A 385 -12.38 7.63 7.85
CA ALA A 385 -12.31 6.19 8.05
C ALA A 385 -13.61 5.66 8.64
N GLU A 386 -14.15 6.41 9.60
CA GLU A 386 -15.35 6.06 10.33
C GLU A 386 -16.56 6.11 9.43
N GLY A 387 -16.67 7.20 8.68
CA GLY A 387 -17.77 7.39 7.76
C GLY A 387 -17.82 6.34 6.66
N ARG A 388 -16.65 5.90 6.20
CA ARG A 388 -16.65 4.88 5.17
C ARG A 388 -17.13 3.53 5.68
N ASP A 389 -16.85 3.21 6.95
CA ASP A 389 -17.36 1.98 7.56
C ASP A 389 -18.89 2.05 7.69
N LEU A 390 -19.41 3.22 8.08
CA LEU A 390 -20.85 3.39 8.29
C LEU A 390 -21.64 3.28 6.98
N ARG A 391 -20.95 3.36 5.84
CA ARG A 391 -21.55 3.07 4.53
C ARG A 391 -21.85 1.58 4.47
N GLY A 392 -20.97 0.79 5.09
CA GLY A 392 -21.21 -0.63 5.24
C GLY A 392 -22.41 -0.82 6.13
N LEU A 393 -22.43 -0.11 7.24
CA LEU A 393 -23.49 -0.24 8.22
C LEU A 393 -24.85 0.18 7.62
N VAL A 394 -24.87 1.29 6.88
CA VAL A 394 -26.09 1.78 6.27
C VAL A 394 -26.66 0.72 5.33
N ALA A 395 -25.82 0.22 4.44
CA ALA A 395 -26.24 -0.82 3.54
C ALA A 395 -26.95 -1.92 4.32
N ILE A 396 -26.36 -2.36 5.43
CA ILE A 396 -26.89 -3.52 6.15
C ILE A 396 -28.18 -3.25 6.98
N VAL A 397 -28.21 -2.14 7.74
CA VAL A 397 -29.38 -1.81 8.56
C VAL A 397 -30.43 -0.89 7.91
N GLY A 398 -30.02 0.02 7.06
CA GLY A 398 -30.93 1.04 6.55
C GLY A 398 -30.62 2.42 7.09
N LYS A 399 -30.72 3.41 6.21
CA LYS A 399 -30.36 4.80 6.51
C LYS A 399 -30.96 5.28 7.82
N GLU A 400 -32.24 4.99 8.03
CA GLU A 400 -32.94 5.45 9.22
C GLU A 400 -32.76 4.56 10.44
N ALA A 401 -32.17 3.38 10.25
CA ALA A 401 -31.81 2.55 11.38
C ALA A 401 -30.56 3.11 12.09
N LEU A 402 -29.93 4.09 11.46
CA LEU A 402 -28.61 4.56 11.87
C LEU A 402 -28.70 5.65 12.92
N SER A 403 -27.77 5.64 13.89
CA SER A 403 -27.70 6.68 14.90
C SER A 403 -27.55 8.10 14.34
N GLU A 404 -27.87 9.12 15.14
CA GLU A 404 -27.68 10.52 14.69
C GLU A 404 -26.21 10.88 14.54
N ARG A 405 -25.41 10.43 15.51
CA ARG A 405 -23.97 10.60 15.52
C ARG A 405 -23.37 9.90 14.31
N ASP A 406 -23.73 8.63 14.17
CA ASP A 406 -23.28 7.82 13.07
C ASP A 406 -23.68 8.42 11.72
N THR A 407 -24.87 9.02 11.67
CA THR A 407 -25.31 9.74 10.48
C THR A 407 -24.47 10.97 10.18
N LYS A 408 -24.05 11.70 11.21
CA LYS A 408 -23.22 12.89 10.98
C LYS A 408 -21.83 12.50 10.50
N PHE A 409 -21.35 11.34 10.95
CA PHE A 409 -20.14 10.73 10.39
C PHE A 409 -20.29 10.25 8.94
N LEU A 410 -21.39 9.59 8.66
CA LEU A 410 -21.67 9.14 7.29
C LEU A 410 -21.71 10.32 6.31
N GLU A 411 -22.33 11.40 6.76
CA GLU A 411 -22.45 12.62 5.97
C GLU A 411 -21.10 13.29 5.80
N PHE A 412 -20.22 13.13 6.79
CA PHE A 412 -18.88 13.70 6.73
C PHE A 412 -17.98 13.01 5.67
N ALA A 413 -18.09 11.69 5.59
CA ALA A 413 -17.39 10.91 4.55
C ALA A 413 -17.72 11.45 3.17
N ASP A 414 -18.96 11.91 3.01
CA ASP A 414 -19.38 12.54 1.78
C ASP A 414 -18.79 13.93 1.55
N LEU A 415 -18.85 14.79 2.57
CA LEU A 415 -18.24 16.13 2.52
C LEU A 415 -16.74 16.05 2.21
N PHE A 416 -16.09 15.04 2.79
CA PHE A 416 -14.66 14.86 2.62
C PHE A 416 -14.31 14.50 1.19
N GLU A 417 -15.15 13.71 0.54
CA GLU A 417 -14.89 13.25 -0.81
C GLU A 417 -15.32 14.31 -1.78
N ASP A 418 -16.36 15.01 -1.41
CA ASP A 418 -16.92 16.01 -2.27
C ASP A 418 -16.20 17.35 -2.23
N LYS A 419 -15.48 17.63 -1.15
CA LYS A 419 -14.96 18.99 -0.96
C LYS A 419 -13.48 19.06 -0.68
N PHE A 420 -12.95 18.07 0.00
CA PHE A 420 -11.54 18.07 0.29
C PHE A 420 -10.82 17.31 -0.84
N VAL A 421 -11.43 16.23 -1.31
CA VAL A 421 -10.79 15.40 -2.32
C VAL A 421 -11.01 15.98 -3.70
N ARG A 422 -12.28 16.18 -4.04
CA ARG A 422 -12.63 16.86 -5.27
C ARG A 422 -11.88 18.17 -5.28
N GLN A 423 -11.16 18.41 -6.38
CA GLN A 423 -10.37 19.60 -6.56
C GLN A 423 -10.13 19.82 -8.06
N GLY A 424 -10.14 21.08 -8.49
CA GLY A 424 -10.01 21.38 -9.91
C GLY A 424 -8.68 20.97 -10.48
N ARG A 425 -8.70 20.46 -11.70
CA ARG A 425 -7.47 20.13 -12.44
C ARG A 425 -6.43 21.24 -12.36
N ASN A 426 -6.91 22.47 -12.34
CA ASN A 426 -6.03 23.63 -12.24
C ASN A 426 -6.49 24.51 -11.11
N GLU A 427 -6.73 23.90 -9.94
CA GLU A 427 -6.75 24.68 -8.72
C GLU A 427 -5.55 24.36 -7.78
N ASN A 428 -4.78 25.40 -7.47
CA ASN A 428 -3.60 25.27 -6.61
C ASN A 428 -3.91 25.68 -5.18
N ARG A 429 -4.21 24.72 -4.32
CA ARG A 429 -4.57 25.04 -2.94
C ARG A 429 -3.36 25.25 -2.05
N THR A 430 -3.23 26.44 -1.48
CA THR A 430 -2.26 26.66 -0.42
C THR A 430 -2.60 25.74 0.73
N ILE A 431 -1.60 25.37 1.53
CA ILE A 431 -1.85 24.57 2.72
C ILE A 431 -2.86 25.28 3.63
N GLU A 432 -2.85 26.61 3.59
CA GLU A 432 -3.83 27.40 4.37
C GLU A 432 -5.24 27.18 3.86
N ASP A 433 -5.38 27.16 2.53
CA ASP A 433 -6.64 26.80 1.88
C ASP A 433 -7.09 25.40 2.28
N THR A 434 -6.13 24.48 2.22
CA THR A 434 -6.33 23.06 2.54
C THR A 434 -6.82 22.89 3.97
N LEU A 435 -6.16 23.56 4.92
CA LEU A 435 -6.55 23.45 6.32
C LEU A 435 -7.87 24.15 6.63
N GLU A 436 -8.16 25.26 5.96
CA GLU A 436 -9.42 25.92 6.22
C GLU A 436 -10.61 25.16 5.75
N ILE A 437 -10.51 24.49 4.60
CA ILE A 437 -11.64 23.70 4.18
C ILE A 437 -11.80 22.45 5.04
N GLY A 438 -10.68 21.94 5.58
CA GLY A 438 -10.73 20.91 6.61
C GLY A 438 -11.62 21.35 7.75
N TRP A 439 -11.16 22.35 8.51
CA TRP A 439 -11.97 22.94 9.58
C TRP A 439 -13.44 23.17 9.14
N GLN A 440 -13.64 23.64 7.92
CA GLN A 440 -14.99 23.75 7.35
C GLN A 440 -15.80 22.47 7.41
N ILE A 441 -15.31 21.40 6.81
CA ILE A 441 -16.08 20.16 6.81
C ILE A 441 -16.12 19.53 8.22
N LEU A 442 -15.10 19.82 9.04
CA LEU A 442 -15.12 19.31 10.40
C LEU A 442 -16.33 19.82 11.22
N THR A 443 -16.67 21.09 11.04
CA THR A 443 -17.79 21.70 11.75
C THR A 443 -19.03 20.78 11.79
N HIS A 444 -19.28 20.03 10.71
CA HIS A 444 -20.42 19.14 10.56
C HIS A 444 -20.42 18.00 11.61
N LEU A 445 -19.27 17.79 12.26
CA LEU A 445 -19.17 16.78 13.32
C LEU A 445 -19.46 17.38 14.68
N PRO A 446 -20.09 16.59 15.57
CA PRO A 446 -20.44 17.16 16.86
C PRO A 446 -19.16 17.52 17.59
N GLU A 447 -18.94 18.82 17.77
CA GLU A 447 -17.75 19.36 18.43
C GLU A 447 -17.04 18.44 19.48
N ASN A 448 -17.81 17.82 20.37
CA ASN A 448 -17.25 16.93 21.40
C ASN A 448 -16.91 15.52 20.88
N GLN A 449 -16.85 15.39 19.56
CA GLN A 449 -16.47 14.14 18.88
C GLN A 449 -15.12 14.28 18.20
N LEU A 450 -14.45 15.38 18.48
CA LEU A 450 -13.15 15.62 17.92
C LEU A 450 -12.06 15.22 18.92
N GLY A 451 -11.93 13.91 19.15
CA GLY A 451 -10.93 13.37 20.06
C GLY A 451 -9.53 13.83 19.68
N ARG A 452 -9.21 13.75 18.40
CA ARG A 452 -7.84 13.90 17.94
C ARG A 452 -7.25 15.30 18.00
N ILE A 453 -8.08 16.31 18.31
CA ILE A 453 -7.60 17.70 18.35
C ILE A 453 -7.63 18.30 19.75
N ASP A 454 -6.47 18.68 20.28
CA ASP A 454 -6.38 19.35 21.59
C ASP A 454 -7.16 20.68 21.58
N ASN A 455 -7.84 20.96 22.69
CA ASN A 455 -8.75 22.11 22.82
C ASN A 455 -8.16 23.46 22.38
N LYS A 456 -6.84 23.59 22.48
CA LYS A 456 -6.13 24.80 22.09
C LYS A 456 -6.43 25.18 20.64
N TYR A 457 -6.50 24.17 19.77
CA TYR A 457 -6.70 24.42 18.34
C TYR A 457 -8.17 24.59 18.00
N ILE A 458 -9.04 23.93 18.76
CA ILE A 458 -10.47 24.04 18.59
C ILE A 458 -10.87 25.47 18.92
N GLN A 459 -10.52 25.90 20.14
CA GLN A 459 -10.84 27.25 20.61
C GLN A 459 -10.31 28.35 19.66
N LYS A 460 -9.23 28.03 18.94
CA LYS A 460 -8.57 29.01 18.07
C LYS A 460 -8.98 28.94 16.59
N TYR A 461 -9.08 27.73 16.05
CA TYR A 461 -9.32 27.58 14.61
C TYR A 461 -10.75 27.21 14.21
N HIS A 462 -11.42 26.41 15.05
CA HIS A 462 -12.77 25.97 14.79
C HIS A 462 -13.61 27.19 14.44
N PRO A 463 -14.34 27.13 13.32
CA PRO A 463 -15.18 28.25 12.86
C PRO A 463 -16.30 28.62 13.85
N ALA A 464 -16.89 27.63 14.52
CA ALA A 464 -17.93 27.90 15.52
C ALA A 464 -17.44 28.91 16.55
N HIS A 465 -16.13 29.06 16.69
CA HIS A 465 -15.58 30.16 17.48
C HIS A 465 -14.26 30.75 16.98
N ARG A 466 -14.40 31.70 16.06
CA ARG A 466 -13.29 32.49 15.51
C ARG A 466 -12.68 33.31 16.63
N ILE B 20 -28.01 -5.21 -9.45
CA ILE B 20 -27.81 -4.13 -10.45
C ILE B 20 -27.47 -2.77 -9.77
N ALA B 21 -27.94 -2.57 -8.53
CA ALA B 21 -27.73 -1.30 -7.82
C ALA B 21 -27.53 -1.41 -6.30
N GLY B 22 -27.88 -2.58 -5.71
CA GLY B 22 -27.70 -2.86 -4.26
C GLY B 22 -28.43 -1.92 -3.31
N PRO B 23 -28.27 -2.09 -1.97
CA PRO B 23 -27.58 -3.08 -1.14
C PRO B 23 -28.17 -4.48 -1.30
N LEU B 24 -27.45 -5.49 -0.83
CA LEU B 24 -27.70 -6.88 -1.23
C LEU B 24 -27.77 -7.88 -0.07
N ILE B 25 -28.99 -8.22 0.33
CA ILE B 25 -29.22 -9.10 1.50
C ILE B 25 -29.66 -10.55 1.15
N PHE B 26 -29.46 -11.47 2.09
CA PHE B 26 -29.57 -12.90 1.83
C PHE B 26 -30.73 -13.59 2.52
N VAL B 27 -31.68 -14.07 1.72
CA VAL B 27 -32.93 -14.63 2.22
C VAL B 27 -32.96 -16.14 2.05
N GLU B 28 -33.69 -16.80 2.94
CA GLU B 28 -33.76 -18.25 2.98
C GLU B 28 -34.84 -18.78 2.03
N LYS B 29 -34.47 -19.20 0.83
CA LYS B 29 -35.49 -19.62 -0.16
C LYS B 29 -36.41 -20.62 0.52
N THR B 30 -37.58 -20.12 0.92
CA THR B 30 -38.53 -20.94 1.64
C THR B 30 -39.76 -21.29 0.77
N GLU B 31 -40.04 -20.45 -0.23
CA GLU B 31 -41.06 -20.73 -1.24
C GLU B 31 -40.66 -20.14 -2.59
N PRO B 32 -41.13 -20.75 -3.69
CA PRO B 32 -40.78 -20.31 -5.04
C PRO B 32 -40.78 -18.80 -5.23
N VAL B 33 -39.64 -18.26 -5.63
CA VAL B 33 -39.52 -16.84 -5.95
C VAL B 33 -39.26 -16.67 -7.43
N GLY B 34 -39.55 -15.48 -7.95
CA GLY B 34 -39.20 -15.15 -9.32
C GLY B 34 -38.26 -13.98 -9.36
N TYR B 35 -37.50 -13.83 -10.46
CA TYR B 35 -36.68 -12.63 -10.66
C TYR B 35 -37.53 -11.39 -10.55
N ASN B 36 -36.97 -10.32 -10.01
CA ASN B 36 -37.60 -9.02 -9.88
C ASN B 36 -38.78 -8.99 -8.95
N GLU B 37 -39.09 -10.12 -8.33
CA GLU B 37 -40.21 -10.16 -7.44
C GLU B 37 -39.94 -9.18 -6.30
N ILE B 38 -40.96 -8.39 -5.97
CA ILE B 38 -40.92 -7.55 -4.78
C ILE B 38 -41.29 -8.44 -3.60
N VAL B 39 -40.41 -8.46 -2.61
CA VAL B 39 -40.56 -9.30 -1.44
C VAL B 39 -40.30 -8.47 -0.19
N ASN B 40 -40.83 -8.94 0.93
CA ASN B 40 -40.58 -8.28 2.19
C ASN B 40 -39.69 -9.12 3.09
N ILE B 41 -38.65 -8.51 3.63
CA ILE B 41 -37.72 -9.26 4.44
C ILE B 41 -37.89 -8.86 5.89
N LYS B 42 -38.19 -9.84 6.73
CA LYS B 42 -38.43 -9.58 8.13
C LYS B 42 -37.14 -9.75 8.93
N MET B 43 -36.58 -8.61 9.33
CA MET B 43 -35.37 -8.58 10.12
C MET B 43 -35.55 -9.17 11.50
N GLY B 44 -34.44 -9.67 12.06
CA GLY B 44 -34.41 -10.13 13.46
C GLY B 44 -35.00 -9.08 14.40
N ASP B 45 -34.78 -7.82 14.04
CA ASP B 45 -35.40 -6.70 14.74
C ASP B 45 -36.92 -6.78 14.90
N GLY B 46 -37.61 -7.42 13.95
CA GLY B 46 -39.07 -7.46 13.93
C GLY B 46 -39.64 -6.55 12.85
N THR B 47 -38.77 -5.75 12.24
CA THR B 47 -39.15 -4.88 11.14
C THR B 47 -38.95 -5.55 9.79
N VAL B 48 -39.70 -5.10 8.80
CA VAL B 48 -39.67 -5.70 7.48
C VAL B 48 -39.14 -4.71 6.44
N ARG B 49 -38.14 -5.15 5.68
CA ARG B 49 -37.57 -4.32 4.63
C ARG B 49 -38.00 -4.79 3.24
N ARG B 50 -38.35 -3.83 2.40
CA ARG B 50 -38.83 -4.10 1.07
C ARG B 50 -37.64 -4.21 0.16
N GLY B 51 -37.71 -5.14 -0.78
CA GLY B 51 -36.63 -5.38 -1.71
C GLY B 51 -37.08 -6.13 -2.95
N GLN B 52 -36.16 -6.30 -3.89
CA GLN B 52 -36.44 -6.94 -5.16
C GLN B 52 -35.54 -8.15 -5.32
N VAL B 53 -36.11 -9.25 -5.81
CA VAL B 53 -35.30 -10.45 -6.00
C VAL B 53 -34.28 -10.26 -7.12
N LEU B 54 -33.01 -10.36 -6.75
CA LEU B 54 -31.88 -10.15 -7.66
C LEU B 54 -31.49 -11.44 -8.38
N ASP B 55 -31.37 -12.51 -7.60
CA ASP B 55 -30.90 -13.80 -8.08
C ASP B 55 -31.11 -14.76 -6.92
N SER B 56 -31.01 -16.06 -7.20
CA SER B 56 -31.17 -17.08 -6.18
C SER B 56 -30.45 -18.34 -6.59
N SER B 57 -29.95 -19.09 -5.62
CA SER B 57 -29.45 -20.42 -5.88
C SER B 57 -30.65 -21.33 -5.77
N ALA B 58 -30.50 -22.44 -5.06
CA ALA B 58 -31.61 -23.38 -4.85
C ALA B 58 -32.17 -23.32 -3.43
N ASP B 59 -31.44 -22.69 -2.52
CA ASP B 59 -31.79 -22.65 -1.11
C ASP B 59 -31.70 -21.23 -0.55
N ILE B 60 -31.11 -20.32 -1.33
CA ILE B 60 -30.81 -18.96 -0.87
C ILE B 60 -31.18 -17.94 -1.93
N VAL B 61 -31.81 -16.86 -1.50
CA VAL B 61 -32.24 -15.80 -2.40
C VAL B 61 -31.45 -14.54 -2.13
N VAL B 62 -31.15 -13.81 -3.19
CA VAL B 62 -30.36 -12.60 -3.09
C VAL B 62 -31.28 -11.44 -3.38
N VAL B 63 -31.48 -10.57 -2.41
CA VAL B 63 -32.41 -9.47 -2.58
C VAL B 63 -31.70 -8.15 -2.60
N GLN B 64 -32.25 -7.20 -3.35
CA GLN B 64 -31.75 -5.85 -3.40
C GLN B 64 -32.74 -4.97 -2.69
N VAL B 65 -32.34 -4.48 -1.51
CA VAL B 65 -33.21 -3.72 -0.61
C VAL B 65 -33.46 -2.28 -1.09
N PHE B 66 -34.51 -1.66 -0.54
CA PHE B 66 -34.91 -0.29 -0.89
C PHE B 66 -34.79 0.66 0.30
N GLU B 67 -35.78 0.61 1.19
CA GLU B 67 -36.06 1.68 2.16
C GLU B 67 -36.15 3.02 1.43
N GLY B 77 -48.89 -5.12 0.59
CA GLY B 77 -48.22 -5.79 1.70
C GLY B 77 -48.80 -7.17 1.97
N VAL B 78 -49.35 -7.79 0.93
CA VAL B 78 -49.89 -9.16 0.99
C VAL B 78 -49.09 -10.10 0.09
N ILE B 79 -47.81 -9.75 -0.10
CA ILE B 79 -46.84 -10.46 -0.94
C ILE B 79 -45.92 -11.36 -0.10
N PHE B 80 -45.02 -12.10 -0.77
CA PHE B 80 -44.05 -12.93 -0.05
C PHE B 80 -43.21 -12.10 0.92
N THR B 81 -43.24 -12.50 2.18
CA THR B 81 -42.37 -11.93 3.19
C THR B 81 -41.41 -13.01 3.71
N GLY B 82 -40.14 -12.81 3.43
CA GLY B 82 -39.12 -13.83 3.65
C GLY B 82 -38.29 -13.68 4.90
N GLU B 83 -37.77 -14.81 5.36
CA GLU B 83 -36.92 -14.83 6.53
C GLU B 83 -35.48 -14.59 6.12
N THR B 84 -34.78 -13.82 6.93
CA THR B 84 -33.37 -13.53 6.69
C THR B 84 -32.52 -14.82 6.90
N LEU B 85 -31.61 -15.08 5.98
CA LEU B 85 -30.78 -16.28 6.08
C LEU B 85 -30.01 -16.33 7.39
N LYS B 86 -30.01 -17.48 8.04
CA LYS B 86 -29.48 -17.55 9.38
C LYS B 86 -28.39 -18.58 9.58
N LEU B 87 -27.51 -18.29 10.52
CA LEU B 87 -26.45 -19.20 10.90
C LEU B 87 -26.82 -20.00 12.14
N PRO B 88 -26.81 -21.34 12.02
CA PRO B 88 -27.04 -22.26 13.15
C PRO B 88 -25.97 -22.05 14.22
N ALA B 89 -26.11 -20.99 15.01
CA ALA B 89 -25.05 -20.58 15.92
C ALA B 89 -24.93 -21.49 17.14
N SER B 90 -23.70 -21.87 17.47
CA SER B 90 -23.39 -22.80 18.56
C SER B 90 -21.89 -22.87 18.84
N VAL B 91 -21.54 -23.14 20.09
CA VAL B 91 -20.15 -23.41 20.45
C VAL B 91 -19.66 -24.68 19.73
N ASP B 92 -20.60 -25.54 19.36
CA ASP B 92 -20.30 -26.79 18.67
C ASP B 92 -19.73 -26.55 17.29
N LEU B 93 -19.83 -25.31 16.81
CA LEU B 93 -19.23 -24.95 15.52
C LEU B 93 -17.74 -25.25 15.47
N LEU B 94 -17.07 -25.03 16.60
CA LEU B 94 -15.63 -25.25 16.73
C LEU B 94 -15.33 -26.71 16.53
N GLY B 95 -14.34 -26.96 15.67
CA GLY B 95 -13.97 -28.32 15.28
C GLY B 95 -14.73 -28.89 14.08
N ARG B 96 -15.52 -28.05 13.43
CA ARG B 96 -16.31 -28.49 12.29
C ARG B 96 -15.90 -27.79 11.01
N ILE B 97 -16.12 -28.51 9.90
CA ILE B 97 -15.78 -28.02 8.59
C ILE B 97 -17.06 -27.93 7.80
N LEU B 98 -17.38 -26.73 7.34
CA LEU B 98 -18.63 -26.50 6.65
C LEU B 98 -18.44 -25.91 5.27
N SER B 99 -19.51 -25.95 4.48
CA SER B 99 -19.57 -25.25 3.20
C SER B 99 -19.94 -23.77 3.39
N GLY B 100 -20.00 -23.04 2.28
CA GLY B 100 -20.38 -21.63 2.28
C GLY B 100 -21.70 -21.32 2.96
N SER B 101 -22.67 -22.24 2.82
CA SER B 101 -23.97 -22.13 3.47
C SER B 101 -23.93 -22.57 4.93
N GLY B 102 -22.77 -23.07 5.34
CA GLY B 102 -22.66 -23.65 6.67
C GLY B 102 -23.42 -24.96 6.73
N GLU B 103 -23.19 -25.82 5.73
CA GLU B 103 -23.68 -27.17 5.75
C GLU B 103 -22.47 -28.07 5.94
N PRO B 104 -22.55 -29.03 6.88
CA PRO B 104 -21.46 -29.96 7.21
C PRO B 104 -20.72 -30.56 6.00
N ARG B 105 -19.39 -30.57 6.08
CA ARG B 105 -18.51 -31.07 5.04
C ARG B 105 -17.57 -32.17 5.54
N ASP B 106 -17.67 -32.54 6.82
CA ASP B 106 -16.71 -33.44 7.45
C ASP B 106 -17.27 -34.85 7.71
N GLY B 107 -18.51 -35.09 7.27
CA GLY B 107 -19.20 -36.33 7.59
C GLY B 107 -20.01 -36.21 8.86
N GLY B 108 -19.77 -35.15 9.63
CA GLY B 108 -20.41 -34.95 10.92
C GLY B 108 -21.91 -34.75 10.77
N PRO B 109 -22.62 -34.70 11.90
CA PRO B 109 -24.03 -34.36 11.81
C PRO B 109 -24.25 -32.85 11.72
N ARG B 110 -25.37 -32.47 11.10
CA ARG B 110 -25.92 -31.11 11.08
C ARG B 110 -25.72 -30.33 12.38
N ILE B 111 -25.73 -29.00 12.28
CA ILE B 111 -25.43 -28.15 13.44
C ILE B 111 -26.64 -27.80 14.28
N VAL B 112 -26.65 -28.33 15.50
CA VAL B 112 -27.70 -28.10 16.48
C VAL B 112 -27.50 -26.72 17.13
N PRO B 113 -28.35 -25.75 16.74
CA PRO B 113 -28.10 -24.42 17.25
C PRO B 113 -28.70 -24.21 18.62
N ASP B 114 -28.49 -23.01 19.17
CA ASP B 114 -29.34 -22.49 20.22
C ASP B 114 -29.61 -21.02 19.91
N GLN B 115 -29.16 -20.59 18.73
CA GLN B 115 -29.26 -19.22 18.28
C GLN B 115 -29.23 -19.27 16.76
N LEU B 116 -30.32 -18.86 16.12
CA LEU B 116 -30.32 -18.67 14.66
C LEU B 116 -30.05 -17.20 14.33
N LEU B 117 -28.83 -16.92 13.88
CA LEU B 117 -28.41 -15.52 13.70
C LEU B 117 -28.40 -15.08 12.27
N ASP B 118 -29.07 -13.95 12.05
CA ASP B 118 -29.11 -13.20 10.78
C ASP B 118 -27.70 -13.01 10.20
N ILE B 119 -27.43 -13.70 9.10
CA ILE B 119 -26.12 -13.66 8.47
C ILE B 119 -25.70 -12.29 7.89
N ASN B 120 -26.63 -11.36 7.77
CA ASN B 120 -26.35 -10.13 7.07
C ASN B 120 -25.76 -9.08 7.97
N GLY B 121 -25.38 -9.51 9.17
CA GLY B 121 -24.86 -8.64 10.20
C GLY B 121 -25.92 -7.79 10.88
N ALA B 122 -27.18 -7.94 10.46
CA ALA B 122 -28.21 -6.95 10.79
C ALA B 122 -29.11 -7.31 11.96
N ALA B 123 -28.60 -8.07 12.92
CA ALA B 123 -29.46 -8.49 14.02
C ALA B 123 -28.78 -8.20 15.32
N MET B 124 -27.45 -8.33 15.33
CA MET B 124 -26.66 -7.99 16.51
C MET B 124 -25.60 -6.94 16.14
N ASN B 125 -25.47 -5.92 16.98
CA ASN B 125 -24.32 -5.04 16.90
C ASN B 125 -23.41 -5.33 18.07
N PRO B 126 -22.48 -6.26 17.87
CA PRO B 126 -21.59 -6.65 18.96
C PRO B 126 -20.52 -5.62 19.19
N TYR B 127 -20.29 -4.75 18.22
CA TYR B 127 -19.11 -3.88 18.21
C TYR B 127 -19.22 -2.63 19.08
N ALA B 128 -18.24 -2.49 19.97
CA ALA B 128 -18.13 -1.32 20.86
C ALA B 128 -17.41 -0.12 20.23
N ARG B 129 -17.53 1.02 20.88
CA ARG B 129 -16.86 2.24 20.44
C ARG B 129 -15.48 2.32 21.09
N LEU B 130 -14.65 1.34 20.77
CA LEU B 130 -13.33 1.21 21.38
C LEU B 130 -12.33 0.98 20.28
N PRO B 131 -11.20 1.68 20.34
CA PRO B 131 -10.10 1.44 19.39
C PRO B 131 -9.55 0.04 19.58
N PRO B 132 -9.12 -0.59 18.48
CA PRO B 132 -8.48 -1.90 18.61
C PRO B 132 -7.25 -1.82 19.51
N LYS B 133 -6.97 -2.89 20.26
CA LYS B 133 -5.97 -2.80 21.33
C LYS B 133 -4.88 -3.85 21.39
N ASP B 134 -5.04 -4.90 22.18
CA ASP B 134 -3.86 -5.66 22.62
C ASP B 134 -3.17 -6.48 21.51
N PHE B 135 -2.23 -7.33 21.92
CA PHE B 135 -1.38 -8.07 21.00
C PHE B 135 -2.01 -9.38 20.53
N ILE B 136 -1.93 -9.65 19.24
CA ILE B 136 -2.15 -11.01 18.72
C ILE B 136 -0.82 -11.51 18.21
N GLN B 137 -0.40 -12.67 18.70
CA GLN B 137 0.87 -13.30 18.30
C GLN B 137 0.66 -14.28 17.16
N THR B 138 1.19 -13.96 15.98
CA THR B 138 1.00 -14.81 14.81
C THR B 138 2.03 -15.90 14.74
N GLY B 139 3.15 -15.65 15.39
CA GLY B 139 4.30 -16.52 15.27
C GLY B 139 5.18 -16.09 14.12
N ILE B 140 4.72 -15.15 13.30
CA ILE B 140 5.48 -14.68 12.16
C ILE B 140 6.15 -13.38 12.51
N SER B 141 7.49 -13.40 12.53
CA SER B 141 8.32 -12.24 12.87
C SER B 141 8.05 -10.98 12.03
N THR B 142 7.93 -11.12 10.70
CA THR B 142 7.70 -9.95 9.86
C THR B 142 6.31 -9.36 10.06
N ILE B 143 5.45 -10.10 10.76
CA ILE B 143 4.18 -9.56 11.23
C ILE B 143 4.38 -9.08 12.68
N ASP B 144 4.58 -10.01 13.61
CA ASP B 144 4.63 -9.68 15.02
C ASP B 144 5.72 -8.66 15.33
N GLY B 145 6.86 -8.79 14.64
CA GLY B 145 7.99 -7.89 14.87
C GLY B 145 7.73 -6.44 14.46
N THR B 146 7.42 -6.22 13.18
CA THR B 146 7.42 -4.87 12.64
C THR B 146 6.05 -4.35 12.19
N ASN B 147 5.09 -5.25 12.08
CA ASN B 147 3.73 -4.94 11.60
C ASN B 147 2.76 -5.72 12.46
N THR B 148 2.80 -5.38 13.74
CA THR B 148 2.14 -6.12 14.78
C THR B 148 0.63 -6.11 14.59
N LEU B 149 0.03 -7.28 14.66
CA LEU B 149 -1.40 -7.39 14.53
C LEU B 149 -2.04 -7.22 15.90
N VAL B 150 -3.06 -6.37 15.92
CA VAL B 150 -3.73 -5.97 17.13
C VAL B 150 -5.15 -6.54 17.16
N ARG B 151 -5.62 -6.85 18.36
CA ARG B 151 -6.97 -7.38 18.56
C ARG B 151 -8.03 -6.41 18.07
N GLY B 152 -8.93 -6.89 17.21
CA GLY B 152 -9.96 -6.05 16.64
C GLY B 152 -9.53 -5.26 15.41
N GLN B 153 -8.37 -5.61 14.85
CA GLN B 153 -7.84 -4.97 13.63
C GLN B 153 -8.33 -5.61 12.31
N LYS B 154 -8.26 -4.81 11.23
CA LYS B 154 -8.34 -5.29 9.85
C LYS B 154 -6.99 -5.15 9.18
N LEU B 155 -6.35 -6.26 8.85
CA LEU B 155 -4.98 -6.20 8.31
C LEU B 155 -4.78 -7.21 7.16
N PRO B 156 -4.99 -6.75 5.93
CA PRO B 156 -4.99 -7.66 4.80
C PRO B 156 -3.61 -8.11 4.38
N ILE B 157 -3.53 -9.32 3.84
CA ILE B 157 -2.31 -9.82 3.18
C ILE B 157 -2.29 -9.47 1.67
N PHE B 158 -1.65 -8.35 1.32
CA PHE B 158 -1.48 -7.92 -0.07
C PHE B 158 -0.55 -8.89 -0.81
N SER B 159 -1.10 -9.71 -1.69
CA SER B 159 -0.29 -10.67 -2.42
C SER B 159 -0.53 -10.59 -3.92
N ALA B 160 -0.18 -11.66 -4.61
CA ALA B 160 -0.50 -11.83 -6.02
C ALA B 160 -0.52 -13.34 -6.40
N SER B 161 -1.03 -13.62 -7.59
CA SER B 161 -1.18 -14.99 -8.08
C SER B 161 0.16 -15.71 -8.20
N GLY B 162 0.28 -16.87 -7.57
CA GLY B 162 1.55 -17.57 -7.60
C GLY B 162 2.45 -17.40 -6.40
N LEU B 163 2.05 -16.59 -5.43
CA LEU B 163 2.79 -16.47 -4.19
C LEU B 163 2.06 -17.27 -3.10
N PRO B 164 2.81 -17.79 -2.10
CA PRO B 164 2.24 -18.66 -1.03
C PRO B 164 1.43 -17.95 0.07
N HIS B 165 0.58 -17.00 -0.32
CA HIS B 165 -0.28 -16.35 0.65
C HIS B 165 -1.18 -17.31 1.45
N ASN B 166 -1.67 -18.39 0.83
CA ASN B 166 -2.53 -19.35 1.54
C ASN B 166 -1.73 -20.11 2.59
N GLU B 167 -0.48 -20.36 2.26
CA GLU B 167 0.45 -21.08 3.10
C GLU B 167 0.73 -20.25 4.32
N ILE B 168 0.79 -18.93 4.12
CA ILE B 168 1.04 -17.98 5.18
C ILE B 168 -0.16 -18.00 6.10
N ALA B 169 -1.31 -17.75 5.49
CA ALA B 169 -2.57 -17.59 6.20
C ALA B 169 -2.95 -18.82 7.03
N LEU B 170 -2.65 -20.02 6.53
CA LEU B 170 -2.92 -21.20 7.34
C LEU B 170 -1.80 -21.54 8.34
N GLN B 171 -0.57 -21.09 8.07
CA GLN B 171 0.42 -21.00 9.15
C GLN B 171 -0.11 -20.07 10.25
N ILE B 172 -0.64 -18.93 9.85
CA ILE B 172 -1.14 -17.99 10.86
C ILE B 172 -2.28 -18.62 11.62
N ALA B 173 -3.04 -19.46 10.95
CA ALA B 173 -4.16 -20.11 11.60
C ALA B 173 -3.69 -21.19 12.58
N ARG B 174 -2.67 -21.94 12.20
CA ARG B 174 -2.04 -22.93 13.10
C ARG B 174 -1.33 -22.34 14.32
N GLN B 175 -1.03 -21.04 14.29
CA GLN B 175 -0.09 -20.48 15.27
C GLN B 175 -0.55 -19.32 16.13
N ALA B 176 -1.56 -18.59 15.67
CA ALA B 176 -1.96 -17.36 16.37
C ALA B 176 -2.47 -17.61 17.79
N SER B 177 -2.22 -16.62 18.63
CA SER B 177 -2.64 -16.68 20.03
C SER B 177 -2.60 -15.28 20.60
N VAL B 178 -3.15 -15.17 21.80
CA VAL B 178 -3.16 -13.93 22.53
C VAL B 178 -2.48 -14.17 23.86
N PRO B 179 -1.17 -13.91 23.93
CA PRO B 179 -0.40 -14.17 25.15
C PRO B 179 -1.06 -13.59 26.39
N GLY B 180 -1.26 -14.45 27.39
CA GLY B 180 -1.80 -14.04 28.68
C GLY B 180 -3.20 -13.43 28.72
N SER B 181 -3.96 -13.56 27.63
CA SER B 181 -5.32 -13.08 27.60
C SER B 181 -6.18 -14.06 28.37
N GLU B 182 -7.06 -13.54 29.25
CA GLU B 182 -8.00 -14.42 29.94
C GLU B 182 -9.24 -14.71 29.10
N SER B 183 -9.39 -13.99 28.01
CA SER B 183 -10.36 -14.38 27.01
C SER B 183 -9.71 -15.41 26.08
N ALA B 184 -10.40 -16.53 25.91
CA ALA B 184 -9.99 -17.60 25.01
C ALA B 184 -9.91 -17.13 23.55
N PHE B 185 -9.27 -17.92 22.70
CA PHE B 185 -8.99 -17.55 21.32
C PHE B 185 -9.60 -18.57 20.37
N ALA B 186 -10.03 -18.09 19.20
CA ALA B 186 -10.55 -18.95 18.14
C ALA B 186 -10.23 -18.35 16.78
N VAL B 187 -10.28 -19.20 15.76
CA VAL B 187 -10.02 -18.80 14.40
C VAL B 187 -11.16 -19.27 13.50
N VAL B 188 -11.53 -18.40 12.58
CA VAL B 188 -12.59 -18.67 11.63
C VAL B 188 -11.89 -18.47 10.29
N PHE B 189 -11.57 -19.59 9.65
CA PHE B 189 -10.95 -19.61 8.37
C PHE B 189 -12.06 -19.83 7.36
N ALA B 190 -12.11 -18.97 6.34
CA ALA B 190 -13.10 -19.10 5.26
C ALA B 190 -12.40 -19.08 3.91
N ALA B 191 -12.60 -20.10 3.10
CA ALA B 191 -11.90 -20.14 1.83
C ALA B 191 -12.89 -20.18 0.67
N MET B 192 -12.77 -19.24 -0.25
CA MET B 192 -13.78 -19.14 -1.30
C MET B 192 -13.21 -19.23 -2.70
N GLY B 193 -14.03 -19.79 -3.60
CA GLY B 193 -13.64 -20.14 -4.96
C GLY B 193 -12.40 -21.02 -5.01
N ILE B 194 -12.38 -22.08 -4.21
CA ILE B 194 -11.18 -22.95 -4.13
C ILE B 194 -11.34 -24.30 -4.85
N THR B 195 -10.24 -24.96 -5.17
CA THR B 195 -10.30 -26.23 -5.87
C THR B 195 -10.43 -27.38 -4.89
N ASN B 196 -10.89 -28.52 -5.41
CA ASN B 196 -11.00 -29.75 -4.65
C ASN B 196 -9.66 -30.18 -4.09
N GLU B 197 -8.62 -30.03 -4.90
CA GLU B 197 -7.26 -30.27 -4.42
C GLU B 197 -6.95 -29.45 -3.17
N GLU B 198 -7.00 -28.12 -3.26
CA GLU B 198 -6.68 -27.29 -2.09
C GLU B 198 -7.73 -27.36 -0.96
N ALA B 199 -8.92 -27.85 -1.27
CA ALA B 199 -9.89 -28.12 -0.21
C ALA B 199 -9.34 -29.24 0.64
N GLN B 200 -8.94 -30.31 -0.04
CA GLN B 200 -8.43 -31.50 0.62
C GLN B 200 -7.15 -31.19 1.41
N TYR B 201 -6.45 -30.16 0.96
CA TYR B 201 -5.21 -29.74 1.60
C TYR B 201 -5.50 -29.01 2.92
N PHE B 202 -6.44 -28.08 2.92
CA PHE B 202 -6.81 -27.42 4.17
C PHE B 202 -7.42 -28.40 5.17
N MET B 203 -8.33 -29.25 4.72
CA MET B 203 -9.02 -30.15 5.62
C MET B 203 -8.04 -31.03 6.39
N SER B 204 -7.09 -31.61 5.67
CA SER B 204 -6.04 -32.42 6.26
C SER B 204 -5.11 -31.62 7.16
N ASP B 205 -4.69 -30.44 6.72
CA ASP B 205 -3.77 -29.60 7.53
C ASP B 205 -4.41 -29.09 8.82
N PHE B 206 -5.72 -28.90 8.80
CA PHE B 206 -6.44 -28.42 9.96
C PHE B 206 -6.71 -29.52 10.96
N GLU B 207 -6.88 -30.73 10.44
CA GLU B 207 -7.21 -31.86 11.31
C GLU B 207 -5.96 -32.45 11.91
N LYS B 208 -4.95 -32.75 11.08
CA LYS B 208 -3.79 -33.48 11.57
C LYS B 208 -2.80 -32.67 12.45
N THR B 209 -2.93 -31.36 12.46
CA THR B 209 -2.12 -30.52 13.35
C THR B 209 -2.87 -30.29 14.66
N GLY B 210 -4.20 -30.26 14.58
CA GLY B 210 -5.02 -30.01 15.75
C GLY B 210 -5.60 -28.60 15.78
N ALA B 211 -5.15 -27.78 14.83
CA ALA B 211 -5.60 -26.40 14.73
C ALA B 211 -7.11 -26.31 14.55
N LEU B 212 -7.68 -27.37 13.98
CA LEU B 212 -9.12 -27.49 13.79
C LEU B 212 -9.91 -27.39 15.09
N GLU B 213 -9.39 -27.99 16.17
CA GLU B 213 -10.05 -28.03 17.48
C GLU B 213 -10.58 -26.67 18.00
N ARG B 214 -9.95 -25.58 17.59
CA ARG B 214 -10.32 -24.22 18.02
C ARG B 214 -10.81 -23.36 16.85
N ALA B 215 -11.28 -24.02 15.80
CA ALA B 215 -11.56 -23.35 14.57
C ALA B 215 -12.87 -23.77 13.94
N VAL B 216 -13.58 -22.80 13.37
CA VAL B 216 -14.68 -23.14 12.47
C VAL B 216 -14.24 -22.81 11.05
N VAL B 217 -14.31 -23.78 10.16
CA VAL B 217 -13.87 -23.61 8.80
C VAL B 217 -15.05 -23.56 7.85
N PHE B 218 -15.04 -22.60 6.92
CA PHE B 218 -16.04 -22.55 5.88
C PHE B 218 -15.35 -22.63 4.54
N LEU B 219 -15.62 -23.68 3.79
CA LEU B 219 -14.98 -23.85 2.49
C LEU B 219 -15.95 -23.77 1.33
N ASN B 220 -15.79 -22.71 0.56
CA ASN B 220 -16.49 -22.62 -0.69
C ASN B 220 -15.61 -23.03 -1.88
N LEU B 221 -16.13 -23.93 -2.72
CA LEU B 221 -15.37 -24.45 -3.86
C LEU B 221 -15.70 -23.69 -5.11
N ALA B 222 -14.71 -23.51 -5.97
CA ALA B 222 -14.93 -22.79 -7.22
C ALA B 222 -16.22 -23.25 -7.94
N ASP B 223 -16.60 -24.51 -7.69
CA ASP B 223 -17.80 -25.17 -8.26
C ASP B 223 -19.12 -24.73 -7.66
N ASP B 224 -19.22 -24.73 -6.34
CA ASP B 224 -20.49 -24.45 -5.65
C ASP B 224 -21.11 -23.17 -6.15
N PRO B 225 -22.45 -23.07 -6.08
CA PRO B 225 -23.20 -21.93 -6.62
C PRO B 225 -22.55 -20.57 -6.33
N ALA B 226 -22.41 -19.73 -7.36
CA ALA B 226 -21.85 -18.40 -7.18
C ALA B 226 -22.39 -17.79 -5.90
N VAL B 227 -23.71 -17.84 -5.73
CA VAL B 227 -24.38 -17.23 -4.58
C VAL B 227 -23.82 -17.72 -3.24
N GLU B 228 -23.65 -19.04 -3.13
CA GLU B 228 -23.14 -19.64 -1.90
C GLU B 228 -21.77 -19.11 -1.53
N ARG B 229 -21.01 -18.74 -2.56
CA ARG B 229 -19.69 -18.16 -2.39
C ARG B 229 -19.81 -16.81 -1.70
N ILE B 230 -20.87 -16.09 -2.03
CA ILE B 230 -21.03 -14.72 -1.56
C ILE B 230 -21.46 -14.68 -0.09
N VAL B 231 -22.17 -15.72 0.37
CA VAL B 231 -22.61 -15.72 1.76
C VAL B 231 -21.47 -16.20 2.64
N THR B 232 -20.52 -16.90 2.03
CA THR B 232 -19.41 -17.50 2.79
C THR B 232 -18.82 -16.50 3.77
N PRO B 233 -18.44 -15.29 3.31
CA PRO B 233 -17.84 -14.33 4.24
C PRO B 233 -18.79 -13.84 5.35
N ARG B 234 -20.07 -13.69 5.03
CA ARG B 234 -21.03 -13.22 6.01
C ARG B 234 -21.33 -14.31 7.05
N MET B 235 -21.25 -15.57 6.62
CA MET B 235 -21.33 -16.72 7.53
C MET B 235 -20.15 -16.71 8.49
N ALA B 236 -18.97 -16.42 7.96
CA ALA B 236 -17.77 -16.55 8.76
C ALA B 236 -17.79 -15.45 9.81
N LEU B 237 -18.05 -14.23 9.36
CA LEU B 237 -18.09 -13.09 10.24
C LEU B 237 -19.17 -13.23 11.30
N THR B 238 -20.36 -13.65 10.89
CA THR B 238 -21.46 -13.80 11.83
C THR B 238 -21.06 -14.73 12.99
N ALA B 239 -20.49 -15.88 12.65
CA ALA B 239 -19.90 -16.81 13.59
C ALA B 239 -18.89 -16.13 14.52
N ALA B 240 -17.89 -15.49 13.93
CA ALA B 240 -16.90 -14.77 14.71
C ALA B 240 -17.54 -13.87 15.77
N GLU B 241 -18.60 -13.16 15.36
CA GLU B 241 -19.31 -12.26 16.25
C GLU B 241 -19.99 -13.03 17.37
N TYR B 242 -20.47 -14.24 17.07
CA TYR B 242 -21.13 -15.06 18.09
C TYR B 242 -20.16 -15.51 19.17
N LEU B 243 -19.01 -15.99 18.75
CA LEU B 243 -18.02 -16.40 19.73
C LEU B 243 -17.48 -15.20 20.47
N ALA B 244 -17.21 -14.11 19.77
CA ALA B 244 -16.61 -12.93 20.38
C ALA B 244 -17.51 -12.31 21.45
N TYR B 245 -18.76 -12.10 21.06
CA TYR B 245 -19.71 -11.39 21.91
C TYR B 245 -20.36 -12.29 22.95
N GLU B 246 -21.03 -13.34 22.49
CA GLU B 246 -21.79 -14.21 23.37
C GLU B 246 -20.99 -15.30 24.07
N HIS B 247 -19.69 -15.38 23.83
CA HIS B 247 -18.87 -16.35 24.56
C HIS B 247 -17.57 -15.74 25.07
N GLY B 248 -17.38 -14.45 24.83
CA GLY B 248 -16.22 -13.73 25.37
C GLY B 248 -14.92 -14.22 24.79
N MET B 249 -14.85 -14.29 23.47
CA MET B 249 -13.66 -14.82 22.82
C MET B 249 -12.98 -13.82 21.95
N HIS B 250 -11.68 -13.98 21.80
CA HIS B 250 -10.94 -13.33 20.74
C HIS B 250 -10.93 -14.18 19.47
N VAL B 251 -11.57 -13.67 18.43
CA VAL B 251 -11.68 -14.40 17.18
C VAL B 251 -10.90 -13.74 16.04
N LEU B 252 -10.06 -14.55 15.40
CA LEU B 252 -9.35 -14.09 14.22
C LEU B 252 -10.00 -14.68 12.97
N VAL B 253 -10.47 -13.78 12.10
CA VAL B 253 -11.10 -14.18 10.85
C VAL B 253 -10.14 -14.06 9.67
N ILE B 254 -10.01 -15.13 8.89
CA ILE B 254 -9.10 -15.21 7.74
C ILE B 254 -9.91 -15.59 6.48
N LEU B 255 -9.78 -14.79 5.43
CA LEU B 255 -10.61 -14.94 4.23
C LEU B 255 -9.76 -15.06 3.00
N THR B 256 -9.65 -16.28 2.46
CA THR B 256 -8.56 -16.59 1.53
C THR B 256 -8.54 -15.72 0.32
N ASP B 257 -9.70 -15.39 -0.25
CA ASP B 257 -9.65 -14.52 -1.41
C ASP B 257 -10.81 -13.60 -1.67
N ILE B 258 -10.55 -12.33 -1.42
CA ILE B 258 -11.49 -11.26 -1.67
C ILE B 258 -11.59 -10.96 -3.16
N THR B 259 -10.56 -11.31 -3.93
CA THR B 259 -10.64 -11.21 -5.40
C THR B 259 -11.54 -12.32 -5.97
N ASN B 260 -11.43 -13.53 -5.43
CA ASN B 260 -12.38 -14.58 -5.78
C ASN B 260 -13.83 -14.19 -5.47
N TYR B 261 -14.00 -13.41 -4.41
CA TYR B 261 -15.32 -12.95 -3.96
C TYR B 261 -15.87 -11.91 -4.92
N ALA B 262 -14.99 -11.00 -5.35
CA ALA B 262 -15.37 -9.93 -6.28
C ALA B 262 -15.84 -10.54 -7.59
N GLU B 263 -15.09 -11.52 -8.06
CA GLU B 263 -15.38 -12.20 -9.29
C GLU B 263 -16.78 -12.76 -9.23
N ALA B 264 -17.09 -13.43 -8.14
CA ALA B 264 -18.42 -13.98 -7.93
C ALA B 264 -19.45 -12.86 -7.98
N LEU B 265 -19.05 -11.66 -7.61
CA LEU B 265 -19.99 -10.55 -7.54
C LEU B 265 -20.31 -10.04 -8.93
N ARG B 266 -19.32 -10.09 -9.82
CA ARG B 266 -19.50 -9.62 -11.19
C ARG B 266 -20.18 -10.65 -12.09
N GLN B 267 -20.64 -11.75 -11.49
CA GLN B 267 -21.39 -12.76 -12.24
C GLN B 267 -22.71 -13.05 -11.53
N MET B 268 -23.44 -11.98 -11.20
CA MET B 268 -24.72 -12.09 -10.52
C MET B 268 -25.84 -11.45 -11.35
N GLY B 269 -26.90 -12.23 -11.65
CA GLY B 269 -28.04 -11.76 -12.46
C GLY B 269 -27.66 -11.18 -13.82
N ALA B 270 -28.01 -9.90 -14.02
CA ALA B 270 -27.70 -9.18 -15.27
C ALA B 270 -26.20 -9.25 -15.63
N ALA B 271 -25.35 -9.15 -14.60
CA ALA B 271 -23.90 -9.27 -14.78
C ALA B 271 -23.24 -9.81 -13.52
N ARG B 278 -18.02 -6.64 -21.74
CA ARG B 278 -18.91 -6.21 -20.66
C ARG B 278 -18.23 -6.51 -19.32
N ARG B 279 -16.90 -6.33 -19.31
CA ARG B 279 -16.03 -6.66 -18.17
C ARG B 279 -16.11 -5.58 -17.08
N GLY B 280 -15.24 -5.65 -16.08
CA GLY B 280 -15.26 -4.70 -14.95
C GLY B 280 -16.19 -5.17 -13.84
N TYR B 281 -16.53 -4.27 -12.91
CA TYR B 281 -17.23 -4.71 -11.69
C TYR B 281 -18.49 -3.89 -11.39
N PRO B 282 -19.46 -4.45 -10.63
CA PRO B 282 -20.66 -3.65 -10.32
C PRO B 282 -20.32 -2.38 -9.54
N GLY B 283 -21.20 -1.39 -9.59
CA GLY B 283 -21.03 -0.16 -8.84
C GLY B 283 -21.18 -0.40 -7.35
N TYR B 284 -22.07 -1.32 -6.99
CA TYR B 284 -22.33 -1.60 -5.58
C TYR B 284 -21.26 -2.48 -4.94
N MET B 285 -20.25 -2.87 -5.70
CA MET B 285 -19.13 -3.63 -5.15
C MET B 285 -18.53 -2.92 -3.93
N TYR B 286 -18.39 -1.61 -4.05
CA TYR B 286 -17.72 -0.81 -3.06
C TYR B 286 -18.52 -0.75 -1.78
N THR B 287 -19.82 -0.53 -1.93
CA THR B 287 -20.73 -0.58 -0.80
C THR B 287 -20.75 -2.00 -0.26
N ASP B 288 -20.71 -2.97 -1.14
CA ASP B 288 -20.83 -4.33 -0.69
C ASP B 288 -19.64 -4.69 0.21
N LEU B 289 -18.43 -4.47 -0.29
CA LEU B 289 -17.23 -4.80 0.49
C LEU B 289 -17.25 -4.17 1.88
N ALA B 290 -17.75 -2.93 1.95
CA ALA B 290 -17.93 -2.20 3.20
C ALA B 290 -18.82 -2.92 4.20
N THR B 291 -19.76 -3.71 3.71
CA THR B 291 -20.60 -4.56 4.58
C THR B 291 -19.76 -5.71 5.14
N LEU B 292 -18.58 -5.91 4.58
CA LEU B 292 -17.68 -6.92 5.10
C LEU B 292 -16.66 -6.30 6.04
N TYR B 293 -16.06 -5.19 5.65
CA TYR B 293 -15.01 -4.61 6.46
C TYR B 293 -15.48 -3.62 7.51
N GLU B 294 -16.78 -3.37 7.59
CA GLU B 294 -17.30 -2.67 8.76
C GLU B 294 -17.36 -3.68 9.93
N ARG B 295 -17.42 -4.97 9.58
CA ARG B 295 -17.61 -6.04 10.57
C ARG B 295 -16.30 -6.53 11.20
N ALA B 296 -15.74 -5.68 12.04
CA ALA B 296 -14.60 -6.03 12.88
C ALA B 296 -14.45 -5.03 14.04
N GLY B 297 -13.81 -5.48 15.11
CA GLY B 297 -13.44 -4.60 16.21
C GLY B 297 -13.58 -5.31 17.54
N ILE B 298 -13.34 -4.55 18.60
CA ILE B 298 -13.60 -4.95 19.98
C ILE B 298 -15.11 -4.95 20.23
N VAL B 299 -15.58 -5.92 21.01
CA VAL B 299 -17.01 -6.02 21.28
C VAL B 299 -17.48 -5.34 22.57
N LYS B 300 -18.77 -5.05 22.64
CA LYS B 300 -19.38 -4.55 23.85
C LYS B 300 -18.98 -5.43 25.05
N GLY B 301 -18.50 -4.79 26.11
CA GLY B 301 -18.00 -5.51 27.26
C GLY B 301 -16.49 -5.73 27.24
N ALA B 302 -15.84 -5.36 26.14
CA ALA B 302 -14.38 -5.42 25.99
C ALA B 302 -13.75 -6.80 26.07
N LYS B 303 -14.54 -7.80 26.44
CA LYS B 303 -14.01 -9.12 26.77
C LYS B 303 -13.83 -10.06 25.57
N GLY B 304 -14.06 -9.54 24.37
CA GLY B 304 -13.93 -10.31 23.16
C GLY B 304 -13.68 -9.38 22.01
N SER B 305 -13.35 -9.95 20.86
CA SER B 305 -13.05 -9.16 19.67
C SER B 305 -13.00 -9.96 18.36
N VAL B 306 -13.26 -9.24 17.27
CA VAL B 306 -13.13 -9.72 15.89
C VAL B 306 -12.01 -9.00 15.13
N THR B 307 -11.01 -9.77 14.70
CA THR B 307 -9.86 -9.30 13.95
C THR B 307 -9.87 -9.94 12.57
N GLN B 308 -9.68 -9.11 11.54
CA GLN B 308 -9.74 -9.59 10.18
C GLN B 308 -8.40 -9.61 9.46
N ILE B 309 -8.11 -10.74 8.82
CA ILE B 309 -7.02 -10.85 7.88
C ILE B 309 -7.57 -11.35 6.55
N PRO B 310 -8.05 -10.42 5.70
CA PRO B 310 -8.48 -10.75 4.34
C PRO B 310 -7.28 -11.03 3.44
N ILE B 311 -7.41 -11.90 2.46
CA ILE B 311 -6.31 -12.11 1.53
C ILE B 311 -6.66 -11.47 0.20
N LEU B 312 -5.88 -10.47 -0.21
CA LEU B 312 -6.11 -9.80 -1.49
C LEU B 312 -5.06 -10.20 -2.53
N SER B 313 -5.43 -11.03 -3.51
CA SER B 313 -4.47 -11.39 -4.57
C SER B 313 -4.46 -10.39 -5.73
N MET B 314 -3.38 -10.39 -6.50
CA MET B 314 -3.15 -9.40 -7.58
C MET B 314 -3.29 -7.97 -7.08
N HIS B 321 -7.03 -10.25 -15.85
CA HIS B 321 -7.34 -9.01 -16.59
C HIS B 321 -8.23 -7.99 -15.82
N PRO B 322 -9.24 -8.46 -15.05
CA PRO B 322 -10.14 -7.47 -14.44
C PRO B 322 -9.42 -6.75 -13.28
N ILE B 323 -9.80 -5.50 -13.03
CA ILE B 323 -8.97 -4.56 -12.24
C ILE B 323 -9.58 -4.08 -10.90
N PRO B 324 -9.83 -5.01 -9.95
CA PRO B 324 -10.66 -4.68 -8.79
C PRO B 324 -10.01 -3.78 -7.74
N ASP B 325 -10.65 -2.64 -7.48
CA ASP B 325 -10.26 -1.75 -6.38
C ASP B 325 -10.81 -2.27 -5.04
N LEU B 326 -9.93 -2.76 -4.20
CA LEU B 326 -10.33 -3.26 -2.90
C LEU B 326 -9.75 -2.37 -1.83
N SER B 327 -9.53 -1.12 -2.22
CA SER B 327 -8.93 -0.04 -1.40
C SER B 327 -9.51 0.14 -0.03
N GLY B 328 -10.83 0.04 0.08
CA GLY B 328 -11.55 0.38 1.30
C GLY B 328 -11.23 -0.59 2.40
N TYR B 329 -10.75 -1.76 1.98
CA TYR B 329 -10.39 -2.82 2.90
C TYR B 329 -9.03 -2.55 3.54
N ILE B 330 -8.37 -1.50 3.05
CA ILE B 330 -7.03 -1.16 3.53
C ILE B 330 -7.00 0.18 4.24
N THR B 331 -7.61 0.25 5.42
CA THR B 331 -7.61 1.47 6.24
C THR B 331 -6.74 1.40 7.48
N GLU B 332 -6.16 0.25 7.76
CA GLU B 332 -5.35 0.10 8.97
C GLU B 332 -3.95 -0.38 8.65
N GLY B 333 -3.61 -0.34 7.36
CA GLY B 333 -2.38 -0.92 6.88
C GLY B 333 -2.62 -2.19 6.10
N GLN B 334 -1.52 -2.83 5.72
CA GLN B 334 -1.53 -4.11 5.02
C GLN B 334 -0.19 -4.79 5.21
N ILE B 335 -0.18 -6.11 5.04
CA ILE B 335 1.05 -6.90 5.05
C ILE B 335 1.34 -7.31 3.63
N VAL B 336 2.61 -7.21 3.22
CA VAL B 336 2.97 -7.37 1.81
C VAL B 336 3.84 -8.54 1.39
N VAL B 337 3.28 -9.40 0.54
CA VAL B 337 4.00 -10.53 0.01
C VAL B 337 4.80 -10.14 -1.24
N ALA B 338 6.14 -10.25 -1.17
CA ALA B 338 7.01 -9.80 -2.26
C ALA B 338 7.60 -10.93 -3.14
N ARG B 339 7.20 -10.92 -4.41
CA ARG B 339 7.72 -11.88 -5.37
C ARG B 339 9.26 -11.93 -5.37
N GLU B 340 9.90 -10.76 -5.29
CA GLU B 340 11.35 -10.64 -5.04
C GLU B 340 11.84 -11.67 -4.01
N LEU B 341 11.25 -11.67 -2.83
CA LEU B 341 11.73 -12.53 -1.78
C LEU B 341 11.42 -13.96 -2.11
N HIS B 342 10.27 -14.19 -2.71
CA HIS B 342 9.88 -15.51 -3.17
C HIS B 342 10.95 -16.09 -4.11
N ARG B 343 11.45 -15.26 -5.02
CA ARG B 343 12.43 -15.67 -6.01
C ARG B 343 13.76 -16.15 -5.42
N LYS B 344 14.20 -15.50 -4.34
CA LYS B 344 15.43 -15.89 -3.66
C LYS B 344 15.18 -17.17 -2.88
N GLY B 345 13.93 -17.64 -2.91
CA GLY B 345 13.53 -18.83 -2.16
C GLY B 345 13.34 -18.54 -0.68
N ILE B 346 12.84 -17.34 -0.38
CA ILE B 346 12.56 -16.99 1.00
C ILE B 346 11.09 -17.20 1.36
N TYR B 347 10.86 -17.96 2.42
CA TYR B 347 9.55 -18.11 3.01
C TYR B 347 9.62 -17.72 4.46
N PRO B 348 8.63 -16.97 4.95
CA PRO B 348 7.58 -16.33 4.14
C PRO B 348 8.12 -15.11 3.40
N PRO B 349 7.68 -14.89 2.15
CA PRO B 349 8.29 -13.80 1.40
C PRO B 349 7.62 -12.47 1.72
N ILE B 350 7.76 -12.03 2.97
CA ILE B 350 7.11 -10.80 3.41
C ILE B 350 8.05 -9.61 3.36
N ASN B 351 7.64 -8.54 2.68
CA ASN B 351 8.44 -7.32 2.60
C ASN B 351 8.00 -6.22 3.62
N VAL B 352 8.79 -6.02 4.67
CA VAL B 352 8.39 -5.10 5.73
C VAL B 352 8.34 -3.62 5.31
N LEU B 353 9.18 -3.24 4.37
CA LEU B 353 9.27 -1.83 4.05
C LEU B 353 7.91 -1.31 3.56
N PRO B 354 7.31 -2.00 2.57
CA PRO B 354 5.95 -1.62 2.20
C PRO B 354 4.86 -2.06 3.19
N SER B 355 5.10 -3.10 3.99
CA SER B 355 4.10 -3.52 4.98
C SER B 355 3.88 -2.43 6.02
N LEU B 356 2.78 -2.56 6.77
CA LEU B 356 2.35 -1.49 7.67
C LEU B 356 1.31 -1.99 8.64
N SER B 357 1.37 -1.48 9.86
CA SER B 357 0.28 -1.66 10.83
C SER B 357 0.01 -0.31 11.52
N ARG B 358 -1.15 0.28 11.25
CA ARG B 358 -1.43 1.65 11.73
C ARG B 358 -1.72 1.67 13.23
N LEU B 359 -2.10 0.51 13.76
CA LEU B 359 -2.48 0.34 15.15
C LEU B 359 -1.42 -0.38 15.98
N MET B 360 -0.21 -0.49 15.45
CA MET B 360 0.86 -1.26 16.10
C MET B 360 1.19 -0.69 17.49
N ASN B 361 1.21 0.63 17.61
CA ASN B 361 1.45 1.25 18.91
C ASN B 361 0.49 0.84 20.03
N SER B 362 -0.74 0.45 19.67
CA SER B 362 -1.74 -0.02 20.64
C SER B 362 -1.57 -1.47 21.12
N GLY B 363 -0.62 -2.21 20.53
CA GLY B 363 -0.47 -3.62 20.83
C GLY B 363 0.91 -4.08 21.28
N ILE B 364 1.85 -3.14 21.37
CA ILE B 364 3.23 -3.44 21.77
C ILE B 364 3.60 -2.74 23.06
N GLY B 365 4.80 -3.02 23.58
CA GLY B 365 5.32 -2.32 24.75
C GLY B 365 5.22 -3.14 26.03
N ALA B 366 5.62 -2.53 27.15
CA ALA B 366 5.59 -3.17 28.48
C ALA B 366 4.26 -3.81 28.80
N GLY B 367 4.33 -5.00 29.38
CA GLY B 367 3.15 -5.77 29.76
C GLY B 367 2.24 -6.13 28.62
N LYS B 368 2.65 -5.84 27.38
CA LYS B 368 1.97 -6.34 26.18
C LYS B 368 2.90 -7.25 25.39
N THR B 369 4.13 -6.79 25.22
CA THR B 369 5.19 -7.55 24.56
C THR B 369 6.48 -7.38 25.39
N ARG B 370 7.07 -6.18 25.28
CA ARG B 370 8.32 -5.85 25.96
C ARG B 370 8.66 -4.39 25.57
N GLU B 371 9.43 -3.68 26.39
CA GLU B 371 9.54 -2.22 26.19
C GLU B 371 10.37 -1.85 24.95
N ASP B 372 11.40 -2.64 24.69
CA ASP B 372 12.30 -2.49 23.54
C ASP B 372 11.66 -2.81 22.17
N HIS B 373 10.42 -3.28 22.15
CA HIS B 373 9.71 -3.57 20.91
C HIS B 373 9.71 -2.44 19.86
N LYS B 374 9.17 -1.27 20.18
CA LYS B 374 9.18 -0.16 19.21
C LYS B 374 10.62 0.12 18.73
N ALA B 375 11.53 0.24 19.69
CA ALA B 375 12.95 0.45 19.43
C ALA B 375 13.55 -0.53 18.41
N VAL B 376 13.48 -1.82 18.71
CA VAL B 376 13.99 -2.84 17.82
C VAL B 376 13.32 -2.76 16.46
N SER B 377 12.01 -2.58 16.46
CA SER B 377 11.23 -2.52 15.25
C SER B 377 11.70 -1.37 14.39
N ASP B 378 11.80 -0.18 14.99
CA ASP B 378 12.24 1.04 14.31
C ASP B 378 13.65 0.92 13.73
N GLN B 379 14.55 0.36 14.53
CA GLN B 379 15.95 0.23 14.17
C GLN B 379 16.18 -0.75 13.02
N MET B 380 15.44 -1.86 13.02
CA MET B 380 15.53 -2.82 11.96
C MET B 380 15.01 -2.21 10.68
N TYR B 381 13.83 -1.62 10.77
CA TYR B 381 13.22 -0.99 9.62
C TYR B 381 14.18 0.00 8.96
N ALA B 382 14.65 0.96 9.76
CA ALA B 382 15.64 1.93 9.33
C ALA B 382 16.86 1.23 8.68
N GLY B 383 17.38 0.19 9.34
CA GLY B 383 18.61 -0.45 8.91
C GLY B 383 18.47 -1.30 7.66
N TYR B 384 17.28 -1.81 7.43
CA TYR B 384 17.01 -2.70 6.31
C TYR B 384 16.78 -1.88 5.06
N ALA B 385 16.13 -0.73 5.24
CA ALA B 385 15.93 0.21 4.13
C ALA B 385 17.28 0.68 3.64
N GLU B 386 18.12 1.10 4.59
CA GLU B 386 19.47 1.56 4.26
C GLU B 386 20.26 0.53 3.46
N GLY B 387 20.29 -0.71 3.95
CA GLY B 387 20.94 -1.82 3.26
C GLY B 387 20.31 -2.15 1.92
N ARG B 388 18.99 -2.12 1.88
CA ARG B 388 18.28 -2.24 0.60
C ARG B 388 18.67 -1.10 -0.38
N ASP B 389 18.75 0.14 0.11
CA ASP B 389 19.19 1.25 -0.73
C ASP B 389 20.58 0.97 -1.26
N LEU B 390 21.46 0.53 -0.36
CA LEU B 390 22.87 0.29 -0.68
C LEU B 390 23.12 -0.83 -1.69
N ARG B 391 22.12 -1.67 -1.94
CA ARG B 391 22.23 -2.67 -3.00
C ARG B 391 22.27 -1.98 -4.35
N GLY B 392 21.65 -0.80 -4.42
CA GLY B 392 21.71 0.03 -5.59
C GLY B 392 23.05 0.69 -5.69
N LEU B 393 23.49 1.28 -4.59
CA LEU B 393 24.80 1.92 -4.57
C LEU B 393 25.88 0.95 -5.00
N VAL B 394 25.76 -0.30 -4.57
CA VAL B 394 26.70 -1.34 -4.99
C VAL B 394 26.78 -1.40 -6.52
N ALA B 395 25.63 -1.47 -7.16
CA ALA B 395 25.58 -1.75 -8.58
C ALA B 395 25.74 -0.48 -9.40
N ILE B 396 25.93 0.64 -8.71
CA ILE B 396 26.47 1.85 -9.35
C ILE B 396 27.99 1.83 -9.22
N VAL B 397 28.49 1.99 -8.00
CA VAL B 397 29.92 2.20 -7.76
C VAL B 397 30.78 0.94 -7.83
N GLY B 398 30.16 -0.22 -7.62
CA GLY B 398 30.91 -1.47 -7.47
C GLY B 398 31.18 -1.80 -6.00
N LYS B 399 31.17 -3.08 -5.68
CA LYS B 399 31.17 -3.58 -4.30
C LYS B 399 32.32 -3.01 -3.46
N GLU B 400 33.49 -2.95 -4.06
CA GLU B 400 34.68 -2.58 -3.34
C GLU B 400 34.80 -1.08 -3.11
N ALA B 401 33.96 -0.31 -3.78
CA ALA B 401 33.94 1.14 -3.63
C ALA B 401 33.03 1.61 -2.48
N LEU B 402 32.54 0.67 -1.66
CA LEU B 402 31.67 1.02 -0.54
C LEU B 402 32.42 1.26 0.77
N SER B 403 31.95 2.22 1.55
CA SER B 403 32.53 2.49 2.87
C SER B 403 32.26 1.32 3.85
N GLU B 404 33.22 1.08 4.74
CA GLU B 404 33.13 0.05 5.78
C GLU B 404 31.73 0.06 6.40
N ARG B 405 31.35 1.21 6.95
CA ARG B 405 30.01 1.41 7.45
C ARG B 405 28.98 0.79 6.50
N ASP B 406 28.92 1.31 5.27
CA ASP B 406 27.93 0.86 4.29
C ASP B 406 27.91 -0.63 4.07
N THR B 407 29.07 -1.27 4.13
CA THR B 407 29.17 -2.70 3.89
C THR B 407 28.49 -3.45 5.01
N LYS B 408 28.67 -2.99 6.23
CA LYS B 408 27.90 -3.52 7.36
C LYS B 408 26.37 -3.39 7.16
N PHE B 409 25.90 -2.23 6.72
CA PHE B 409 24.48 -2.05 6.41
C PHE B 409 24.00 -2.90 5.23
N LEU B 410 24.90 -3.16 4.29
CA LEU B 410 24.57 -3.97 3.15
C LEU B 410 24.46 -5.41 3.62
N GLU B 411 25.34 -5.78 4.55
CA GLU B 411 25.42 -7.14 5.06
C GLU B 411 24.26 -7.41 6.00
N PHE B 412 23.74 -6.34 6.61
CA PHE B 412 22.60 -6.45 7.48
C PHE B 412 21.30 -6.77 6.71
N ALA B 413 21.06 -6.06 5.61
CA ALA B 413 19.87 -6.27 4.79
C ALA B 413 19.84 -7.74 4.37
N ASP B 414 21.02 -8.32 4.23
CA ASP B 414 21.19 -9.74 4.04
C ASP B 414 20.79 -10.56 5.29
N LEU B 415 21.44 -10.28 6.41
CA LEU B 415 21.12 -10.96 7.65
C LEU B 415 19.63 -10.82 7.98
N PHE B 416 19.08 -9.64 7.73
CA PHE B 416 17.64 -9.44 7.94
C PHE B 416 16.84 -10.45 7.15
N GLU B 417 17.19 -10.68 5.89
CA GLU B 417 16.37 -11.54 5.04
C GLU B 417 16.52 -13.01 5.36
N ASP B 418 17.77 -13.44 5.58
CA ASP B 418 18.08 -14.85 5.80
C ASP B 418 17.69 -15.30 7.20
N LYS B 419 17.86 -14.40 8.16
CA LYS B 419 17.66 -14.78 9.56
C LYS B 419 16.34 -14.29 10.14
N PHE B 420 15.93 -13.09 9.76
CA PHE B 420 14.67 -12.59 10.28
C PHE B 420 13.49 -13.07 9.46
N VAL B 421 13.43 -12.65 8.20
CA VAL B 421 12.29 -12.93 7.36
C VAL B 421 12.13 -14.44 7.15
N ARG B 422 13.19 -15.12 6.75
CA ARG B 422 13.11 -16.56 6.57
C ARG B 422 12.69 -17.24 7.89
N GLN B 423 11.80 -18.21 7.75
CA GLN B 423 11.18 -18.86 8.87
C GLN B 423 10.48 -20.09 8.29
N GLY B 424 10.59 -21.21 9.00
CA GLY B 424 9.95 -22.45 8.59
C GLY B 424 8.45 -22.35 8.48
N ARG B 425 7.88 -23.26 7.67
CA ARG B 425 6.43 -23.40 7.48
C ARG B 425 5.67 -23.78 8.78
N ASN B 426 6.36 -24.42 9.71
CA ASN B 426 5.74 -24.81 10.98
C ASN B 426 6.53 -24.28 12.16
N GLU B 427 7.22 -23.17 11.96
CA GLU B 427 8.12 -22.56 12.97
C GLU B 427 7.38 -21.41 13.62
N ASN B 428 6.85 -21.66 14.81
CA ASN B 428 6.10 -20.66 15.57
C ASN B 428 7.03 -19.91 16.50
N ARG B 429 7.29 -18.63 16.22
CA ARG B 429 8.16 -17.80 17.08
C ARG B 429 7.42 -16.96 18.09
N THR B 430 7.82 -17.04 19.35
CA THR B 430 7.32 -16.10 20.36
C THR B 430 7.91 -14.77 19.98
N ILE B 431 7.22 -13.70 20.34
CA ILE B 431 7.70 -12.35 20.07
C ILE B 431 9.02 -12.15 20.80
N GLU B 432 9.21 -12.96 21.84
CA GLU B 432 10.38 -12.88 22.67
C GLU B 432 11.54 -13.36 21.84
N ASP B 433 11.28 -14.47 21.16
CA ASP B 433 12.22 -15.09 20.27
C ASP B 433 12.48 -14.22 19.02
N THR B 434 11.44 -13.53 18.55
CA THR B 434 11.51 -12.60 17.42
C THR B 434 12.33 -11.38 17.78
N LEU B 435 12.02 -10.78 18.92
CA LEU B 435 12.80 -9.62 19.37
C LEU B 435 14.28 -9.99 19.61
N GLU B 436 14.52 -11.22 20.08
CA GLU B 436 15.89 -11.68 20.25
C GLU B 436 16.62 -11.81 18.92
N ILE B 437 15.94 -12.36 17.91
CA ILE B 437 16.53 -12.44 16.58
C ILE B 437 16.93 -11.06 16.08
N GLY B 438 16.01 -10.11 16.16
CA GLY B 438 16.30 -8.72 15.81
C GLY B 438 17.59 -8.22 16.43
N TRP B 439 17.70 -8.40 17.74
CA TRP B 439 18.89 -8.00 18.49
C TRP B 439 20.17 -8.70 18.06
N GLN B 440 20.06 -9.97 17.74
CA GLN B 440 21.18 -10.77 17.30
C GLN B 440 21.75 -10.26 15.98
N ILE B 441 20.91 -9.78 15.07
CA ILE B 441 21.42 -9.27 13.80
C ILE B 441 21.71 -7.77 13.81
N LEU B 442 21.16 -7.05 14.77
CA LEU B 442 21.51 -5.65 15.01
C LEU B 442 22.94 -5.50 15.48
N THR B 443 23.44 -6.52 16.18
CA THR B 443 24.82 -6.53 16.64
C THR B 443 25.79 -6.38 15.48
N HIS B 444 25.37 -6.80 14.30
CA HIS B 444 26.18 -6.65 13.10
C HIS B 444 26.48 -5.20 12.70
N LEU B 445 25.71 -4.27 13.26
CA LEU B 445 25.89 -2.87 12.93
C LEU B 445 26.71 -2.17 13.99
N PRO B 446 27.39 -1.07 13.63
CA PRO B 446 28.08 -0.20 14.59
C PRO B 446 27.14 0.30 15.67
N GLU B 447 27.54 0.18 16.93
CA GLU B 447 26.66 0.54 18.06
C GLU B 447 26.40 2.05 18.10
N ASN B 448 27.34 2.82 17.57
CA ASN B 448 27.17 4.25 17.37
C ASN B 448 26.17 4.57 16.24
N GLN B 449 25.68 3.53 15.57
CA GLN B 449 24.80 3.66 14.40
C GLN B 449 23.39 3.13 14.66
N LEU B 450 22.92 3.26 15.88
CA LEU B 450 21.59 2.77 16.26
C LEU B 450 20.80 3.93 16.83
N GLY B 451 20.53 4.91 15.97
CA GLY B 451 19.83 6.15 16.34
C GLY B 451 18.38 5.97 16.69
N ARG B 452 17.91 4.72 16.72
CA ARG B 452 16.52 4.45 17.04
C ARG B 452 16.36 3.71 18.36
N ILE B 453 17.48 3.33 18.97
CA ILE B 453 17.43 2.67 20.27
C ILE B 453 18.16 3.53 21.31
N ASP B 454 17.40 4.19 22.20
CA ASP B 454 18.01 4.94 23.30
C ASP B 454 18.95 4.03 24.10
N ASN B 455 20.05 4.61 24.57
CA ASN B 455 21.04 3.91 25.40
C ASN B 455 20.38 3.11 26.51
N LYS B 456 19.25 3.63 26.99
CA LYS B 456 18.36 2.95 27.91
C LYS B 456 18.12 1.47 27.52
N TYR B 457 17.90 1.21 26.23
CA TYR B 457 17.61 -0.16 25.76
C TYR B 457 18.84 -0.94 25.27
N ILE B 458 19.85 -0.23 24.76
CA ILE B 458 21.08 -0.91 24.34
C ILE B 458 21.82 -1.43 25.56
N GLN B 459 21.92 -0.61 26.60
CA GLN B 459 22.52 -1.00 27.87
C GLN B 459 21.85 -2.24 28.46
N LYS B 460 20.51 -2.24 28.44
CA LYS B 460 19.69 -3.28 29.05
C LYS B 460 19.57 -4.54 28.18
N TYR B 461 19.55 -4.39 26.87
CA TYR B 461 19.21 -5.52 26.00
C TYR B 461 20.31 -5.99 25.06
N HIS B 462 21.10 -5.06 24.52
CA HIS B 462 22.13 -5.37 23.52
C HIS B 462 23.05 -6.53 23.97
N PRO B 463 23.08 -7.64 23.18
CA PRO B 463 23.83 -8.87 23.47
C PRO B 463 25.29 -8.71 23.98
N ALA B 464 25.83 -7.49 23.97
CA ALA B 464 27.13 -7.21 24.60
C ALA B 464 26.99 -6.22 25.77
N HIS B 465 25.89 -6.36 26.50
CA HIS B 465 25.59 -5.59 27.69
C HIS B 465 24.62 -6.39 28.59
PB ADP C . 3.17 -2.72 -9.38
O1B ADP C . 3.75 -3.76 -10.32
O2B ADP C . 3.40 -1.28 -9.81
O3B ADP C . 1.76 -3.01 -8.94
PA ADP C . 3.59 -3.82 -6.84
O1A ADP C . 3.01 -5.09 -7.41
O2A ADP C . 4.71 -3.90 -5.82
O3A ADP C . 4.07 -2.88 -8.04
O5' ADP C . 2.40 -2.94 -6.22
C5' ADP C . 1.76 -3.34 -5.02
C4' ADP C . 2.51 -2.68 -3.87
O4' ADP C . 1.73 -1.63 -3.29
C3' ADP C . 2.79 -3.69 -2.77
O3' ADP C . 4.19 -3.95 -2.74
C2' ADP C . 2.34 -3.00 -1.50
O2' ADP C . 3.39 -2.92 -0.53
C1' ADP C . 2.01 -1.58 -1.90
N9 ADP C . 0.87 -1.12 -1.08
C8 ADP C . 0.94 -0.87 0.23
N7 ADP C . -0.27 -0.45 0.69
C5 ADP C . -1.12 -0.43 -0.34
C6 ADP C . -2.54 -0.10 -0.53
N6 ADP C . -3.30 0.31 0.51
N1 ADP C . -3.06 -0.23 -1.76
C2 ADP C . -2.30 -0.64 -2.80
N3 ADP C . -1.01 -0.96 -2.70
C4 ADP C . -0.37 -0.88 -1.51
#